data_7WZS
#
_entry.id   7WZS
#
_cell.length_a   90.871
_cell.length_b   90.871
_cell.length_c   426.106
_cell.angle_alpha   90.00
_cell.angle_beta   90.00
_cell.angle_gamma   90.00
#
_symmetry.space_group_name_H-M   'P 43 21 2'
#
loop_
_entity.id
_entity.type
_entity.pdbx_description
1 polymer CopC
2 polymer Caspase-7
3 polymer Calmodulin-1
#
loop_
_entity_poly.entity_id
_entity_poly.type
_entity_poly.pdbx_seq_one_letter_code
_entity_poly.pdbx_strand_id
1 'polypeptide(L)'
;LGSGRPAAGKIGAFLRKAVAAQSYGLMFANGKLFEATGDALEKRGQYGFSALQRLDGLSRRNLAAVEARLGALDSAERGL
KERIMTGAWHFRHQSNAALDDGKTAAIASNHLLARESRSSGGNTFAGDKALLSNHDFVFFGVEFSGRGKQDKPLNHKHST
MDFGANAYVVPDTLPACRHGYLTLTDHFFNRVPGGREAEHQDFVGSFPQMGAETGRWIHEGKYRQNAPIFNYRDMKAAVA
LHLIEFLRDSKDAAFKAYVFDQAMQSGQALDRVLNSVFQAEFHIPRLMATTDYAKHPLRPMLLKEAVDSVNLPALSGLVS
SKGDAVTAMWHAIDKGKDAVAAHLLGNWRFEAGDFASAPPGFYHELNYALSEHGASVYILDQFLSRGWAAVNAPFEHVNS
GETMLDNAVKYGNREMAAALIKHGADRNLLSEWNGGKLDALLA
;
A
2 'polypeptide(L)'
;MAKPDRSSFVPSLFSKKKKNVTMRSIKTTRDRVPTYQYNMNFEKLGKCIIINNKNFDKVTGMGVRNGTDKDAEALFKCFR
SLGFDVIVYNDCSCAKMQDLLKKASEEDHTNAACFACILLSHGEENVIYGKDGVTPIKDLTAHFRGDRCKTLLEKPKLFF
IQAARGTELDDGIQADSGPINDTDANPRYKIPVEADFLFAYSTVPGYYSWRSPGRGSWFVQALCSILEEHGKDLEIMQIL
TRVNDRVARHFESQSDDPHFHEKKQIPCVVSMLTKELYFSQLEHHHHHH
;
B
3 'polypeptide(L)'
;SGRPMADQLTEEQIAEFKEAFSLFDKDGDGTITTKELGTVMRSLGQNPTEAELQDMINEVDADGNGTIDFPEFLTMMARK
MKDTDSEEEIREAFRVFDKDGNGYISAAELRHVMTNLGEKLTDEEVDEMIREADIDGDGQVNYEEFVQMMTAK
;
C
#
# COMPACT_ATOMS: atom_id res chain seq x y z
N LEU A 1 -24.26 -4.78 -45.84
CA LEU A 1 -24.56 -5.94 -45.00
C LEU A 1 -23.70 -7.13 -45.40
N GLY A 2 -22.55 -6.85 -46.01
CA GLY A 2 -21.65 -7.90 -46.44
C GLY A 2 -20.85 -8.51 -45.32
N SER A 3 -19.57 -8.79 -45.58
CA SER A 3 -18.67 -9.37 -44.59
C SER A 3 -18.09 -8.35 -43.63
N GLY A 4 -18.66 -7.16 -43.55
CA GLY A 4 -18.14 -6.11 -42.69
C GLY A 4 -18.72 -6.15 -41.28
N ARG A 5 -19.99 -6.54 -41.16
CA ARG A 5 -20.61 -6.61 -39.84
C ARG A 5 -19.94 -7.64 -38.92
N PRO A 6 -19.63 -8.87 -39.36
CA PRO A 6 -18.85 -9.75 -38.49
C PRO A 6 -17.42 -9.28 -38.32
N ALA A 7 -16.80 -8.77 -39.39
CA ALA A 7 -15.43 -8.27 -39.31
C ALA A 7 -15.32 -6.98 -38.50
N ALA A 8 -16.44 -6.35 -38.16
CA ALA A 8 -16.39 -5.17 -37.31
C ALA A 8 -15.92 -5.49 -35.91
N GLY A 9 -15.98 -6.76 -35.50
CA GLY A 9 -15.47 -7.16 -34.20
C GLY A 9 -13.96 -7.12 -34.09
N LYS A 10 -13.26 -7.05 -35.23
CA LYS A 10 -11.81 -6.90 -35.19
C LYS A 10 -11.42 -5.60 -34.51
N ILE A 11 -12.11 -4.50 -34.83
CA ILE A 11 -11.95 -3.27 -34.08
C ILE A 11 -12.57 -3.47 -32.71
N GLY A 12 -11.73 -3.52 -31.68
CA GLY A 12 -12.17 -3.89 -30.35
C GLY A 12 -11.39 -5.08 -29.84
N ALA A 13 -11.43 -6.18 -30.58
CA ALA A 13 -10.55 -7.30 -30.29
C ALA A 13 -9.09 -6.96 -30.54
N PHE A 14 -8.82 -5.98 -31.40
CA PHE A 14 -7.48 -5.48 -31.64
C PHE A 14 -7.10 -4.38 -30.66
N LEU A 15 -8.06 -3.53 -30.29
CA LEU A 15 -7.78 -2.45 -29.35
C LEU A 15 -7.59 -2.99 -27.94
N ARG A 16 -8.45 -3.94 -27.52
CA ARG A 16 -8.25 -4.59 -26.23
C ARG A 16 -6.98 -5.43 -26.20
N LYS A 17 -6.48 -5.84 -27.37
CA LYS A 17 -5.19 -6.52 -27.46
C LYS A 17 -4.01 -5.55 -27.41
N ALA A 18 -4.21 -4.30 -27.84
CA ALA A 18 -3.18 -3.27 -27.75
C ALA A 18 -3.13 -2.60 -26.37
N VAL A 19 -4.30 -2.35 -25.78
CA VAL A 19 -4.33 -1.75 -24.44
C VAL A 19 -3.78 -2.72 -23.41
N ALA A 20 -4.11 -4.01 -23.55
CA ALA A 20 -3.58 -5.01 -22.63
C ALA A 20 -2.08 -5.16 -22.76
N ALA A 21 -1.53 -4.98 -23.97
CA ALA A 21 -0.10 -5.06 -24.18
C ALA A 21 0.65 -3.94 -23.47
N GLN A 22 -0.03 -2.84 -23.14
CA GLN A 22 0.62 -1.74 -22.45
C GLN A 22 0.75 -2.02 -20.95
N SER A 23 -0.30 -2.60 -20.35
CA SER A 23 -0.25 -2.91 -18.93
C SER A 23 0.79 -3.98 -18.64
N TYR A 24 0.85 -5.02 -19.47
CA TYR A 24 1.92 -6.01 -19.33
C TYR A 24 3.28 -5.42 -19.70
N GLY A 25 3.31 -4.49 -20.66
CA GLY A 25 4.55 -3.81 -20.97
C GLY A 25 5.12 -3.04 -19.80
N LEU A 26 4.24 -2.48 -18.96
CA LEU A 26 4.71 -1.81 -17.76
C LEU A 26 5.21 -2.82 -16.73
N MET A 27 4.66 -4.02 -16.71
CA MET A 27 5.05 -5.00 -15.71
C MET A 27 6.41 -5.61 -16.02
N PHE A 28 6.67 -5.92 -17.29
CA PHE A 28 7.94 -6.55 -17.65
C PHE A 28 9.08 -5.54 -17.70
N ALA A 29 8.82 -4.33 -18.21
CA ALA A 29 9.87 -3.34 -18.36
C ALA A 29 10.27 -2.73 -17.02
N ASN A 30 9.28 -2.36 -16.21
CA ASN A 30 9.54 -1.68 -14.95
C ASN A 30 9.60 -2.61 -13.75
N GLY A 31 9.38 -3.92 -13.96
CA GLY A 31 9.39 -4.86 -12.87
C GLY A 31 10.79 -5.26 -12.42
N LYS A 32 11.11 -5.01 -11.15
CA LYS A 32 12.42 -5.40 -10.63
C LYS A 32 12.52 -6.91 -10.44
N LEU A 33 11.40 -7.56 -10.11
CA LEU A 33 11.42 -9.01 -9.91
C LEU A 33 11.71 -9.75 -11.21
N PHE A 34 11.26 -9.22 -12.34
CA PHE A 34 11.45 -9.88 -13.62
C PHE A 34 12.86 -9.72 -14.17
N GLU A 35 13.67 -8.82 -13.60
CA GLU A 35 15.05 -8.68 -14.05
C GLU A 35 15.95 -9.74 -13.39
N ALA A 36 15.67 -10.10 -12.14
CA ALA A 36 16.47 -11.13 -11.47
C ALA A 36 16.29 -12.48 -12.15
N THR A 37 15.08 -12.80 -12.58
CA THR A 37 14.81 -14.02 -13.31
C THR A 37 14.99 -13.88 -14.82
N GLY A 38 15.32 -12.68 -15.29
CA GLY A 38 15.52 -12.45 -16.70
C GLY A 38 14.27 -12.36 -17.53
N ASP A 39 13.09 -12.48 -16.93
CA ASP A 39 11.82 -12.43 -17.65
C ASP A 39 11.39 -11.01 -18.00
N ALA A 40 12.23 -10.01 -17.74
CA ALA A 40 11.89 -8.63 -18.08
C ALA A 40 11.95 -8.43 -19.59
N LEU A 41 11.50 -7.25 -20.02
CA LEU A 41 11.47 -6.94 -21.45
C LEU A 41 12.10 -5.59 -21.76
N GLU A 42 11.89 -5.10 -22.98
CA GLU A 42 12.50 -3.87 -23.45
C GLU A 42 11.68 -2.66 -23.00
N LYS A 43 12.13 -1.48 -23.41
CA LYS A 43 11.48 -0.22 -23.09
C LYS A 43 11.01 0.45 -24.38
N ARG A 44 9.73 0.81 -24.43
CA ARG A 44 9.18 1.54 -25.56
C ARG A 44 8.18 2.57 -25.05
N GLY A 45 7.92 3.59 -25.88
CA GLY A 45 6.87 4.53 -25.55
C GLY A 45 5.49 3.89 -25.55
N GLN A 46 5.21 3.09 -26.58
CA GLN A 46 4.01 2.26 -26.64
C GLN A 46 4.46 0.82 -26.81
N TYR A 47 4.34 0.04 -25.72
CA TYR A 47 4.80 -1.34 -25.74
C TYR A 47 4.01 -2.17 -26.74
N GLY A 48 4.72 -2.84 -27.63
CA GLY A 48 4.09 -3.58 -28.71
C GLY A 48 3.52 -4.91 -28.25
N PHE A 49 3.16 -5.73 -29.24
CA PHE A 49 2.56 -7.03 -28.96
C PHE A 49 3.58 -8.05 -28.46
N SER A 50 4.87 -7.71 -28.44
CA SER A 50 5.87 -8.62 -27.88
C SER A 50 5.70 -8.81 -26.38
N ALA A 51 5.04 -7.86 -25.70
CA ALA A 51 4.75 -8.03 -24.28
C ALA A 51 3.74 -9.16 -24.05
N LEU A 52 2.76 -9.28 -24.94
CA LEU A 52 1.80 -10.37 -24.83
C LEU A 52 2.40 -11.69 -25.30
N GLN A 53 3.36 -11.63 -26.23
CA GLN A 53 4.02 -12.85 -26.68
C GLN A 53 4.93 -13.43 -25.60
N ARG A 54 5.47 -12.58 -24.73
CA ARG A 54 6.22 -13.08 -23.58
C ARG A 54 5.32 -13.54 -22.46
N LEU A 55 4.06 -13.07 -22.42
CA LEU A 55 3.10 -13.61 -21.46
C LEU A 55 2.79 -15.06 -21.78
N ASP A 56 2.55 -15.37 -23.05
CA ASP A 56 2.39 -16.78 -23.45
C ASP A 56 3.69 -17.54 -23.31
N GLY A 57 4.83 -16.89 -23.55
CA GLY A 57 6.11 -17.55 -23.35
C GLY A 57 6.38 -17.85 -21.89
N LEU A 58 6.03 -16.92 -21.00
CA LEU A 58 6.21 -17.17 -19.57
C LEU A 58 5.21 -18.20 -19.06
N SER A 59 3.99 -18.21 -19.61
CA SER A 59 2.98 -19.16 -19.14
C SER A 59 3.33 -20.59 -19.53
N ARG A 60 3.86 -20.78 -20.75
CA ARG A 60 4.23 -22.13 -21.18
C ARG A 60 5.42 -22.66 -20.39
N ARG A 61 6.29 -21.77 -19.90
CA ARG A 61 7.42 -22.22 -19.09
C ARG A 61 6.96 -22.69 -17.71
N ASN A 62 6.10 -21.90 -17.06
CA ASN A 62 5.61 -22.29 -15.75
C ASN A 62 4.69 -23.50 -15.83
N LEU A 63 3.94 -23.64 -16.92
CA LEU A 63 3.08 -24.82 -17.08
C LEU A 63 3.93 -26.08 -17.29
N ALA A 64 4.94 -26.00 -18.15
CA ALA A 64 5.81 -27.14 -18.38
C ALA A 64 6.70 -27.43 -17.18
N ALA A 65 6.91 -26.45 -16.30
CA ALA A 65 7.72 -26.70 -15.12
C ALA A 65 6.98 -27.59 -14.13
N VAL A 66 5.74 -27.23 -13.79
CA VAL A 66 4.96 -28.05 -12.86
C VAL A 66 4.55 -29.36 -13.54
N GLU A 67 4.44 -29.37 -14.88
CA GLU A 67 4.13 -30.60 -15.58
C GLU A 67 5.27 -31.61 -15.46
N ALA A 68 6.51 -31.13 -15.49
CA ALA A 68 7.66 -32.01 -15.33
C ALA A 68 7.89 -32.43 -13.89
N ARG A 69 7.40 -31.63 -12.92
CA ARG A 69 7.56 -32.02 -11.52
C ARG A 69 6.77 -33.27 -11.19
N LEU A 70 5.53 -33.36 -11.68
CA LEU A 70 4.67 -34.51 -11.44
C LEU A 70 4.75 -35.52 -12.56
N GLY A 71 4.45 -35.09 -13.80
CA GLY A 71 4.51 -35.97 -14.95
C GLY A 71 3.55 -37.13 -14.89
N ALA A 72 3.95 -38.19 -14.19
CA ALA A 72 3.10 -39.38 -14.04
C ALA A 72 1.97 -39.07 -13.07
N LEU A 73 0.79 -38.79 -13.62
CA LEU A 73 -0.38 -38.48 -12.81
C LEU A 73 -1.16 -39.75 -12.49
N ASP A 74 -1.66 -39.84 -11.26
CA ASP A 74 -2.47 -40.98 -10.85
C ASP A 74 -3.83 -40.92 -11.55
N SER A 75 -4.49 -42.07 -11.60
CA SER A 75 -5.81 -42.15 -12.23
C SER A 75 -6.82 -41.25 -11.51
N ALA A 76 -6.83 -41.28 -10.18
CA ALA A 76 -7.70 -40.40 -9.43
C ALA A 76 -7.28 -38.94 -9.57
N GLU A 77 -6.00 -38.69 -9.83
CA GLU A 77 -5.55 -37.32 -10.04
C GLU A 77 -5.98 -36.78 -11.40
N ARG A 78 -6.10 -37.65 -12.40
CA ARG A 78 -6.55 -37.19 -13.71
C ARG A 78 -7.99 -36.68 -13.67
N GLY A 79 -8.83 -37.31 -12.85
CA GLY A 79 -10.21 -36.84 -12.73
C GLY A 79 -10.30 -35.51 -12.02
N LEU A 80 -9.44 -35.27 -11.03
CA LEU A 80 -9.44 -33.98 -10.35
C LEU A 80 -8.97 -32.86 -11.27
N LYS A 81 -8.08 -33.17 -12.21
CA LYS A 81 -7.64 -32.15 -13.17
C LYS A 81 -8.79 -31.73 -14.07
N GLU A 82 -9.49 -32.70 -14.67
CA GLU A 82 -10.63 -32.39 -15.54
C GLU A 82 -11.74 -31.71 -14.76
N ARG A 83 -11.86 -31.98 -13.46
CA ARG A 83 -12.86 -31.30 -12.63
C ARG A 83 -12.59 -29.80 -12.60
N ILE A 84 -11.33 -29.41 -12.37
CA ILE A 84 -10.98 -27.99 -12.34
C ILE A 84 -10.91 -27.42 -13.75
N MET A 85 -10.51 -28.23 -14.74
CA MET A 85 -10.44 -27.76 -16.12
C MET A 85 -11.82 -27.38 -16.65
N THR A 86 -12.84 -28.16 -16.30
CA THR A 86 -14.19 -27.91 -16.79
C THR A 86 -14.99 -26.98 -15.89
N GLY A 87 -14.46 -26.59 -14.73
CA GLY A 87 -15.18 -25.74 -13.82
C GLY A 87 -15.07 -24.26 -14.14
N ALA A 88 -16.20 -23.61 -14.39
CA ALA A 88 -16.20 -22.17 -14.62
C ALA A 88 -15.92 -21.43 -13.33
N TRP A 89 -15.24 -20.29 -13.45
CA TRP A 89 -14.79 -19.51 -12.31
C TRP A 89 -15.57 -18.21 -12.21
N HIS A 90 -15.59 -17.65 -11.00
CA HIS A 90 -16.16 -16.34 -10.73
C HIS A 90 -15.11 -15.48 -10.05
N PHE A 91 -14.80 -14.34 -10.63
CA PHE A 91 -13.79 -13.43 -10.11
C PHE A 91 -14.46 -12.36 -9.26
N ARG A 92 -13.93 -12.17 -8.04
CA ARG A 92 -14.53 -11.27 -7.07
C ARG A 92 -13.58 -10.11 -6.80
N HIS A 93 -14.09 -8.89 -6.91
CA HIS A 93 -13.37 -7.67 -6.57
C HIS A 93 -14.15 -6.90 -5.52
N GLN A 94 -13.49 -6.59 -4.41
CA GLN A 94 -14.10 -5.85 -3.33
C GLN A 94 -13.45 -4.47 -3.18
N SER A 95 -14.24 -3.51 -2.72
CA SER A 95 -13.78 -2.16 -2.46
C SER A 95 -14.90 -1.43 -1.72
N ASN A 96 -14.63 -0.17 -1.36
CA ASN A 96 -15.62 0.66 -0.67
C ASN A 96 -16.19 1.77 -1.54
N ALA A 97 -15.67 1.95 -2.75
CA ALA A 97 -16.15 2.99 -3.64
C ALA A 97 -17.28 2.46 -4.52
N ALA A 98 -18.27 3.31 -4.78
CA ALA A 98 -19.38 2.97 -5.66
C ALA A 98 -18.86 2.93 -7.10
N LEU A 99 -18.53 1.73 -7.58
CA LEU A 99 -17.92 1.55 -8.88
C LEU A 99 -18.94 1.24 -9.97
N ASP A 100 -20.23 1.19 -9.66
CA ASP A 100 -21.27 0.93 -10.64
C ASP A 100 -22.42 1.90 -10.44
N ASP A 101 -23.31 1.95 -11.42
CA ASP A 101 -24.46 2.84 -11.40
C ASP A 101 -25.78 2.09 -11.58
N GLY A 102 -25.77 0.78 -11.40
CA GLY A 102 -26.93 -0.05 -11.64
C GLY A 102 -27.05 -0.62 -13.03
N LYS A 103 -26.23 -0.14 -13.98
CA LYS A 103 -26.23 -0.63 -15.34
C LYS A 103 -24.86 -1.11 -15.79
N THR A 104 -23.82 -0.29 -15.60
CA THR A 104 -22.46 -0.63 -16.01
C THR A 104 -21.54 -0.51 -14.80
N ALA A 105 -20.68 -1.52 -14.61
CA ALA A 105 -19.70 -1.53 -13.54
C ALA A 105 -18.33 -1.28 -14.14
N ALA A 106 -17.73 -0.15 -13.79
CA ALA A 106 -16.41 0.24 -14.28
C ALA A 106 -15.44 0.27 -13.11
N ILE A 107 -14.42 -0.58 -13.17
CA ILE A 107 -13.41 -0.70 -12.12
C ILE A 107 -12.05 -0.43 -12.75
N ALA A 108 -11.46 0.71 -12.41
CA ALA A 108 -10.16 1.08 -12.94
C ALA A 108 -9.04 0.50 -12.08
N SER A 109 -7.86 0.38 -12.69
CA SER A 109 -6.71 -0.17 -12.00
C SER A 109 -6.06 0.89 -11.12
N ASN A 110 -5.00 0.49 -10.41
CA ASN A 110 -4.30 1.43 -9.54
C ASN A 110 -3.44 2.41 -10.31
N HIS A 111 -3.15 2.13 -11.58
CA HIS A 111 -2.34 3.02 -12.40
C HIS A 111 -3.17 4.01 -13.21
N LEU A 112 -4.35 3.59 -13.66
CA LEU A 112 -5.21 4.49 -14.44
C LEU A 112 -5.72 5.66 -13.61
N LEU A 113 -5.71 5.54 -12.28
CA LEU A 113 -6.08 6.66 -11.43
C LEU A 113 -5.00 7.75 -11.42
N ALA A 114 -3.77 7.41 -11.80
CA ALA A 114 -2.69 8.39 -11.78
C ALA A 114 -2.75 9.35 -12.96
N ARG A 115 -3.15 8.85 -14.13
CA ARG A 115 -3.25 9.72 -15.31
C ARG A 115 -4.34 10.77 -15.15
N GLU A 116 -5.26 10.58 -14.19
CA GLU A 116 -6.32 11.54 -13.94
C GLU A 116 -6.14 12.33 -12.66
N SER A 117 -5.35 11.81 -11.71
CA SER A 117 -5.10 12.48 -10.43
C SER A 117 -6.40 12.83 -9.70
N GLY A 127 8.04 0.71 -3.60
CA GLY A 127 8.19 -0.62 -3.05
C GLY A 127 7.60 -1.70 -3.92
N ASP A 128 6.34 -2.07 -3.65
CA ASP A 128 5.67 -3.09 -4.44
C ASP A 128 5.46 -2.63 -5.87
N LYS A 129 5.30 -1.32 -6.08
CA LYS A 129 5.10 -0.80 -7.43
C LYS A 129 6.36 -0.94 -8.28
N ALA A 130 7.53 -0.89 -7.65
CA ALA A 130 8.78 -1.09 -8.39
C ALA A 130 9.13 -2.56 -8.55
N LEU A 131 8.72 -3.39 -7.58
CA LEU A 131 9.06 -4.81 -7.64
C LEU A 131 8.32 -5.51 -8.78
N LEU A 132 7.03 -5.24 -8.94
CA LEU A 132 6.21 -5.89 -9.94
C LEU A 132 5.75 -4.97 -11.06
N SER A 133 5.36 -3.74 -10.74
CA SER A 133 4.80 -2.80 -11.70
C SER A 133 3.54 -3.36 -12.35
N ASN A 134 2.76 -4.11 -11.56
CA ASN A 134 1.49 -4.67 -12.01
C ASN A 134 0.29 -3.87 -11.52
N HIS A 135 0.51 -2.62 -11.10
CA HIS A 135 -0.57 -1.77 -10.63
C HIS A 135 -1.47 -1.28 -11.75
N ASP A 136 -1.12 -1.56 -13.02
CA ASP A 136 -2.00 -1.29 -14.14
C ASP A 136 -3.02 -2.41 -14.37
N PHE A 137 -3.32 -3.17 -13.33
CA PHE A 137 -4.23 -4.30 -13.41
C PHE A 137 -5.25 -4.23 -12.28
N VAL A 138 -6.45 -4.73 -12.57
CA VAL A 138 -7.52 -4.80 -11.57
C VAL A 138 -7.43 -6.15 -10.86
N PHE A 139 -7.46 -6.12 -9.54
CA PHE A 139 -7.28 -7.31 -8.73
C PHE A 139 -8.61 -8.02 -8.52
N PHE A 140 -8.59 -9.35 -8.57
CA PHE A 140 -9.78 -10.16 -8.44
C PHE A 140 -9.49 -11.39 -7.58
N GLY A 141 -10.42 -11.71 -6.69
CA GLY A 141 -10.38 -12.96 -5.95
C GLY A 141 -11.18 -14.01 -6.69
N VAL A 142 -10.55 -15.16 -6.94
CA VAL A 142 -11.12 -16.18 -7.82
C VAL A 142 -11.90 -17.17 -6.97
N GLU A 143 -13.20 -17.29 -7.25
CA GLU A 143 -14.05 -18.32 -6.65
C GLU A 143 -14.31 -19.41 -7.68
N PHE A 144 -14.28 -20.66 -7.20
CA PHE A 144 -14.41 -21.83 -8.07
C PHE A 144 -15.72 -22.59 -7.82
N SER A 145 -16.77 -21.86 -7.41
CA SER A 145 -18.04 -22.52 -7.11
C SER A 145 -18.74 -22.96 -8.38
N GLY A 146 -18.92 -22.05 -9.33
CA GLY A 146 -19.68 -22.36 -10.52
C GLY A 146 -21.18 -22.48 -10.29
N ARG A 147 -21.69 -21.93 -9.19
CA ARG A 147 -23.10 -22.01 -8.84
C ARG A 147 -23.87 -20.75 -9.25
N GLY A 148 -23.39 -20.04 -10.25
CA GLY A 148 -24.08 -18.85 -10.74
C GLY A 148 -23.37 -17.58 -10.33
N LYS A 149 -23.57 -16.54 -11.14
CA LYS A 149 -22.97 -15.24 -10.84
C LYS A 149 -23.74 -14.49 -9.75
N GLN A 150 -25.05 -14.72 -9.65
CA GLN A 150 -25.84 -14.11 -8.58
C GLN A 150 -25.76 -14.89 -7.28
N ASP A 151 -25.01 -15.98 -7.25
CA ASP A 151 -24.86 -16.75 -6.02
C ASP A 151 -24.07 -15.95 -4.99
N LYS A 152 -24.27 -16.29 -3.72
CA LYS A 152 -23.60 -15.57 -2.64
C LYS A 152 -22.10 -15.79 -2.71
N PRO A 153 -21.30 -14.74 -2.51
CA PRO A 153 -19.84 -14.91 -2.51
C PRO A 153 -19.39 -15.80 -1.37
N LEU A 154 -18.61 -16.84 -1.71
CA LEU A 154 -18.16 -17.79 -0.70
C LEU A 154 -17.12 -17.18 0.21
N ASN A 155 -16.14 -16.48 -0.36
CA ASN A 155 -15.01 -15.94 0.38
C ASN A 155 -15.13 -14.42 0.45
N HIS A 156 -14.92 -13.87 1.65
CA HIS A 156 -14.97 -12.42 1.86
C HIS A 156 -13.60 -11.77 1.90
N LYS A 157 -12.54 -12.55 2.10
CA LYS A 157 -11.19 -12.01 2.27
C LYS A 157 -10.21 -12.76 1.39
N HIS A 158 -9.28 -12.02 0.79
CA HIS A 158 -8.20 -12.59 -0.01
C HIS A 158 -6.88 -12.20 0.65
N SER A 159 -6.10 -13.21 1.04
CA SER A 159 -4.85 -13.01 1.78
C SER A 159 -5.09 -12.20 3.05
N THR A 160 -6.16 -12.55 3.77
CA THR A 160 -6.54 -11.88 5.03
C THR A 160 -6.76 -10.39 4.85
N MET A 161 -7.24 -9.98 3.67
CA MET A 161 -7.47 -8.58 3.35
C MET A 161 -8.94 -8.39 2.99
N ASP A 162 -9.69 -7.74 3.86
CA ASP A 162 -11.07 -7.36 3.57
C ASP A 162 -11.04 -6.04 2.80
N PHE A 163 -11.11 -6.14 1.46
CA PHE A 163 -10.96 -4.96 0.62
C PHE A 163 -12.11 -3.97 0.84
N GLY A 164 -13.34 -4.47 0.84
CA GLY A 164 -14.47 -3.57 0.99
C GLY A 164 -15.74 -4.34 1.36
N ALA A 165 -16.82 -3.58 1.45
CA ALA A 165 -18.13 -4.12 1.82
C ALA A 165 -18.97 -4.51 0.61
N ASN A 166 -18.55 -4.17 -0.60
CA ASN A 166 -19.27 -4.52 -1.81
C ASN A 166 -18.41 -5.47 -2.64
N ALA A 167 -19.02 -6.52 -3.16
CA ALA A 167 -18.33 -7.53 -3.96
C ALA A 167 -18.87 -7.50 -5.38
N TYR A 168 -18.00 -7.18 -6.33
CA TYR A 168 -18.35 -7.14 -7.75
C TYR A 168 -17.85 -8.43 -8.39
N VAL A 169 -18.78 -9.30 -8.78
CA VAL A 169 -18.46 -10.62 -9.30
C VAL A 169 -18.74 -10.63 -10.80
N VAL A 170 -17.79 -11.17 -11.57
CA VAL A 170 -17.96 -11.37 -13.01
C VAL A 170 -17.53 -12.77 -13.36
N PRO A 171 -18.26 -13.48 -14.22
CA PRO A 171 -17.83 -14.83 -14.63
C PRO A 171 -16.66 -14.75 -15.58
N ASP A 172 -16.01 -15.90 -15.78
CA ASP A 172 -14.87 -15.98 -16.69
C ASP A 172 -15.29 -15.94 -18.15
N THR A 173 -16.56 -15.67 -18.46
CA THR A 173 -17.01 -15.57 -19.84
C THR A 173 -16.79 -14.19 -20.43
N LEU A 174 -16.37 -13.21 -19.63
CA LEU A 174 -16.14 -11.87 -20.15
C LEU A 174 -14.96 -11.87 -21.12
N PRO A 175 -15.04 -11.12 -22.22
CA PRO A 175 -13.93 -11.11 -23.19
C PRO A 175 -12.65 -10.54 -22.64
N ALA A 176 -12.71 -9.74 -21.57
CA ALA A 176 -11.50 -9.17 -21.00
C ALA A 176 -10.62 -10.21 -20.32
N CYS A 177 -11.18 -11.35 -19.94
CA CYS A 177 -10.40 -12.41 -19.29
C CYS A 177 -9.51 -13.16 -20.26
N ARG A 178 -9.67 -12.96 -21.57
CA ARG A 178 -8.84 -13.65 -22.55
C ARG A 178 -7.40 -13.18 -22.51
N HIS A 179 -7.13 -11.98 -21.96
CA HIS A 179 -5.78 -11.44 -21.89
C HIS A 179 -5.26 -11.32 -20.47
N GLY A 180 -6.05 -11.67 -19.47
CA GLY A 180 -5.62 -11.58 -18.09
C GLY A 180 -4.67 -12.71 -17.71
N TYR A 181 -4.17 -12.63 -16.49
CA TYR A 181 -3.28 -13.64 -15.94
C TYR A 181 -3.66 -13.89 -14.48
N LEU A 182 -3.18 -15.01 -13.95
CA LEU A 182 -3.49 -15.42 -12.59
C LEU A 182 -2.22 -15.86 -11.87
N THR A 183 -2.09 -15.43 -10.62
CA THR A 183 -1.06 -15.90 -9.72
C THR A 183 -1.68 -16.78 -8.64
N LEU A 184 -0.91 -17.77 -8.17
CA LEU A 184 -1.45 -18.72 -7.20
C LEU A 184 -1.78 -18.04 -5.87
N THR A 185 -1.02 -17.03 -5.48
CA THR A 185 -1.32 -16.23 -4.31
C THR A 185 -1.25 -14.76 -4.71
N ASP A 186 -1.02 -13.89 -3.73
CA ASP A 186 -0.75 -12.49 -4.03
C ASP A 186 0.58 -12.39 -4.77
N HIS A 187 0.57 -11.68 -5.91
CA HIS A 187 1.77 -11.60 -6.73
C HIS A 187 2.95 -10.99 -5.97
N PHE A 188 2.66 -10.04 -5.07
CA PHE A 188 3.71 -9.47 -4.23
C PHE A 188 4.05 -10.42 -3.08
N PHE A 189 3.16 -10.52 -2.11
CA PHE A 189 3.37 -11.38 -0.94
C PHE A 189 2.90 -12.79 -1.31
N ASN A 190 3.84 -13.61 -1.79
CA ASN A 190 3.53 -14.95 -2.28
C ASN A 190 3.67 -15.99 -1.17
N ARG A 191 2.91 -15.77 -0.10
CA ARG A 191 2.89 -16.70 1.03
C ARG A 191 1.46 -16.88 1.48
N VAL A 192 0.87 -18.04 1.17
CA VAL A 192 -0.45 -18.39 1.67
C VAL A 192 -0.32 -18.59 3.17
N PRO A 193 -1.11 -17.89 3.98
CA PRO A 193 -0.91 -17.92 5.44
C PRO A 193 -1.30 -19.27 6.03
N GLY A 194 -1.00 -19.42 7.31
CA GLY A 194 -1.26 -20.65 8.02
C GLY A 194 -2.75 -20.82 8.31
N GLY A 195 -3.02 -21.79 9.19
CA GLY A 195 -4.40 -22.09 9.53
C GLY A 195 -5.06 -21.01 10.37
N ARG A 196 -4.31 -20.42 11.30
CA ARG A 196 -4.89 -19.40 12.17
C ARG A 196 -5.28 -18.15 11.39
N GLU A 197 -4.65 -17.90 10.25
CA GLU A 197 -4.96 -16.71 9.47
C GLU A 197 -5.96 -16.98 8.36
N ALA A 198 -6.23 -18.24 8.03
CA ALA A 198 -7.17 -18.56 6.97
C ALA A 198 -8.57 -18.10 7.34
N GLU A 199 -9.37 -17.79 6.32
CA GLU A 199 -10.71 -17.26 6.53
C GLU A 199 -11.63 -18.30 7.14
N HIS A 200 -12.01 -19.30 6.35
CA HIS A 200 -12.90 -20.35 6.85
C HIS A 200 -12.16 -21.25 7.83
N GLN A 201 -12.16 -20.87 9.11
CA GLN A 201 -11.43 -21.63 10.12
C GLN A 201 -12.07 -22.98 10.40
N ASP A 202 -13.41 -23.06 10.33
CA ASP A 202 -14.08 -24.31 10.66
C ASP A 202 -13.75 -25.42 9.68
N PHE A 203 -13.56 -25.09 8.40
CA PHE A 203 -13.23 -26.11 7.41
C PHE A 203 -11.79 -26.61 7.59
N VAL A 204 -10.84 -25.69 7.79
CA VAL A 204 -9.45 -26.09 7.96
C VAL A 204 -9.25 -26.80 9.29
N GLY A 205 -10.04 -26.46 10.30
CA GLY A 205 -9.90 -27.10 11.60
C GLY A 205 -10.23 -28.59 11.58
N SER A 206 -11.07 -29.01 10.63
CA SER A 206 -11.42 -30.42 10.51
C SER A 206 -10.32 -31.26 9.88
N PHE A 207 -9.28 -30.63 9.33
CA PHE A 207 -8.15 -31.33 8.74
C PHE A 207 -6.87 -30.88 9.41
N PRO A 208 -6.36 -31.63 10.39
CA PRO A 208 -5.23 -31.14 11.20
C PRO A 208 -3.90 -31.14 10.45
N GLN A 209 -3.53 -32.28 9.87
CA GLN A 209 -2.21 -32.44 9.25
C GLN A 209 -2.04 -31.58 8.01
N MET A 210 -3.09 -30.91 7.55
CA MET A 210 -2.98 -29.95 6.45
C MET A 210 -2.61 -28.56 6.95
N GLY A 211 -3.09 -28.16 8.14
CA GLY A 211 -2.87 -26.81 8.60
C GLY A 211 -1.40 -26.47 8.80
N ALA A 212 -0.56 -27.49 8.98
CA ALA A 212 0.86 -27.25 9.13
C ALA A 212 1.58 -27.14 7.79
N GLU A 213 0.96 -27.59 6.72
CA GLU A 213 1.56 -27.53 5.39
C GLU A 213 1.10 -26.34 4.55
N THR A 214 0.06 -25.62 4.99
CA THR A 214 -0.44 -24.50 4.21
C THR A 214 0.50 -23.30 4.32
N GLY A 215 1.02 -23.03 5.51
CA GLY A 215 1.94 -21.93 5.71
C GLY A 215 3.23 -22.12 4.93
N ARG A 216 3.20 -21.76 3.65
CA ARG A 216 4.33 -21.99 2.76
C ARG A 216 4.51 -20.80 1.83
N TRP A 217 5.69 -20.73 1.22
CA TRP A 217 5.94 -19.80 0.12
C TRP A 217 5.73 -20.54 -1.20
N ILE A 218 4.95 -19.94 -2.09
CA ILE A 218 4.69 -20.51 -3.40
C ILE A 218 5.65 -19.86 -4.40
N HIS A 219 6.26 -20.68 -5.25
CA HIS A 219 7.25 -20.20 -6.21
C HIS A 219 7.45 -21.28 -7.28
N GLU A 220 8.39 -21.03 -8.18
CA GLU A 220 8.68 -21.97 -9.26
C GLU A 220 10.17 -21.94 -9.60
N GLY A 221 10.70 -20.74 -9.85
CA GLY A 221 12.10 -20.58 -10.19
C GLY A 221 13.01 -20.77 -8.98
N LYS A 222 14.30 -20.51 -9.21
CA LYS A 222 15.28 -20.63 -8.14
C LYS A 222 15.08 -19.58 -7.07
N TYR A 223 14.55 -18.41 -7.44
CA TYR A 223 14.28 -17.36 -6.47
C TYR A 223 12.96 -17.62 -5.75
N ARG A 224 12.93 -17.34 -4.46
CA ARG A 224 11.73 -17.57 -3.66
C ARG A 224 10.58 -16.68 -4.10
N GLN A 225 10.87 -15.49 -4.62
CA GLN A 225 9.85 -14.53 -4.99
C GLN A 225 9.33 -14.74 -6.40
N ASN A 226 9.88 -15.70 -7.15
CA ASN A 226 9.42 -15.99 -8.50
C ASN A 226 8.02 -16.60 -8.43
N ALA A 227 7.03 -15.74 -8.29
CA ALA A 227 5.65 -16.18 -8.23
C ALA A 227 5.21 -16.70 -9.59
N PRO A 228 4.66 -17.91 -9.68
CA PRO A 228 4.26 -18.46 -10.98
C PRO A 228 3.16 -17.61 -11.63
N ILE A 229 3.29 -17.40 -12.93
CA ILE A 229 2.37 -16.58 -13.72
C ILE A 229 1.84 -17.43 -14.86
N PHE A 230 0.53 -17.42 -15.05
CA PHE A 230 -0.14 -18.19 -16.08
C PHE A 230 -1.15 -17.34 -16.81
N ASN A 231 -1.28 -17.55 -18.12
CA ASN A 231 -2.28 -16.86 -18.92
C ASN A 231 -3.62 -17.57 -18.82
N TYR A 232 -4.63 -17.01 -19.47
CA TYR A 232 -5.97 -17.57 -19.41
C TYR A 232 -6.01 -18.99 -19.96
N ARG A 233 -5.23 -19.26 -20.99
CA ARG A 233 -5.21 -20.60 -21.59
C ARG A 233 -4.66 -21.65 -20.64
N ASP A 234 -3.89 -21.25 -19.63
CA ASP A 234 -3.23 -22.19 -18.73
C ASP A 234 -3.59 -21.99 -17.26
N MET A 235 -4.65 -21.23 -16.97
CA MET A 235 -5.04 -21.04 -15.57
C MET A 235 -5.52 -22.34 -14.94
N LYS A 236 -6.49 -23.00 -15.57
CA LYS A 236 -7.08 -24.20 -15.00
C LYS A 236 -6.07 -25.34 -14.92
N ALA A 237 -5.24 -25.49 -15.95
CA ALA A 237 -4.23 -26.54 -15.94
C ALA A 237 -3.13 -26.30 -14.91
N ALA A 238 -2.99 -25.06 -14.44
CA ALA A 238 -1.96 -24.73 -13.45
C ALA A 238 -2.45 -24.97 -12.03
N VAL A 239 -3.59 -24.39 -11.66
CA VAL A 239 -4.12 -24.55 -10.30
C VAL A 239 -4.46 -26.01 -10.03
N ALA A 240 -4.80 -26.77 -11.08
CA ALA A 240 -5.05 -28.19 -10.90
C ALA A 240 -3.76 -28.95 -10.61
N LEU A 241 -2.72 -28.74 -11.43
CA LEU A 241 -1.46 -29.45 -11.22
C LEU A 241 -0.76 -28.98 -9.95
N HIS A 242 -0.79 -27.67 -9.67
CA HIS A 242 -0.17 -27.18 -8.45
C HIS A 242 -0.91 -27.67 -7.21
N LEU A 243 -2.20 -27.98 -7.34
CA LEU A 243 -2.91 -28.63 -6.24
C LEU A 243 -2.48 -30.07 -6.08
N ILE A 244 -2.36 -30.80 -7.20
CA ILE A 244 -1.89 -32.19 -7.15
C ILE A 244 -0.48 -32.25 -6.59
N GLU A 245 0.34 -31.24 -6.88
CA GLU A 245 1.69 -31.19 -6.32
C GLU A 245 1.67 -31.08 -4.80
N PHE A 246 0.65 -30.43 -4.24
CA PHE A 246 0.52 -30.33 -2.79
C PHE A 246 -0.13 -31.56 -2.20
N LEU A 247 -1.11 -32.14 -2.91
CA LEU A 247 -1.79 -33.33 -2.40
C LEU A 247 -0.85 -34.54 -2.37
N ARG A 248 0.09 -34.61 -3.30
CA ARG A 248 1.04 -35.72 -3.30
C ARG A 248 2.01 -35.62 -2.14
N ASP A 249 2.44 -34.40 -1.81
CA ASP A 249 3.35 -34.18 -0.69
C ASP A 249 2.65 -34.15 0.66
N SER A 250 1.31 -34.12 0.68
CA SER A 250 0.57 -34.00 1.92
C SER A 250 0.53 -35.33 2.66
N LYS A 251 0.70 -35.26 3.98
CA LYS A 251 0.61 -36.43 4.84
C LYS A 251 -0.79 -36.62 5.41
N ASP A 252 -1.67 -35.64 5.24
CA ASP A 252 -3.02 -35.71 5.79
C ASP A 252 -3.84 -36.75 5.02
N ALA A 253 -4.21 -37.83 5.71
CA ALA A 253 -5.05 -38.85 5.08
C ALA A 253 -6.50 -38.40 4.95
N ALA A 254 -6.93 -37.43 5.77
CA ALA A 254 -8.30 -36.94 5.68
C ALA A 254 -8.48 -35.95 4.54
N PHE A 255 -7.47 -35.09 4.32
CA PHE A 255 -7.58 -34.10 3.25
C PHE A 255 -7.27 -34.69 1.88
N LYS A 256 -6.40 -35.69 1.82
CA LYS A 256 -6.14 -36.37 0.56
C LYS A 256 -7.34 -37.17 0.07
N ALA A 257 -8.33 -37.41 0.93
CA ALA A 257 -9.55 -38.10 0.53
C ALA A 257 -10.72 -37.15 0.31
N TYR A 258 -10.67 -35.94 0.88
CA TYR A 258 -11.75 -34.98 0.68
C TYR A 258 -11.70 -34.34 -0.70
N VAL A 259 -10.51 -34.25 -1.29
CA VAL A 259 -10.39 -33.65 -2.61
C VAL A 259 -10.79 -34.62 -3.71
N PHE A 260 -10.70 -35.92 -3.46
CA PHE A 260 -11.06 -36.93 -4.45
C PHE A 260 -12.51 -37.39 -4.32
N ASP A 261 -13.15 -37.14 -3.18
CA ASP A 261 -14.51 -37.59 -2.96
C ASP A 261 -15.49 -36.42 -2.99
N GLN A 262 -15.56 -35.66 -1.89
CA GLN A 262 -16.58 -34.64 -1.73
C GLN A 262 -16.29 -33.37 -2.51
N ALA A 263 -15.02 -33.10 -2.83
CA ALA A 263 -14.69 -31.86 -3.51
C ALA A 263 -15.00 -31.89 -5.00
N MET A 264 -14.91 -33.06 -5.63
CA MET A 264 -15.28 -33.16 -7.05
C MET A 264 -16.78 -33.18 -7.25
N GLN A 265 -17.56 -33.55 -6.24
CA GLN A 265 -19.00 -33.57 -6.38
C GLN A 265 -19.60 -32.18 -6.25
N SER A 266 -19.16 -31.41 -5.25
CA SER A 266 -19.71 -30.10 -4.97
C SER A 266 -18.76 -29.00 -5.47
N GLY A 267 -19.34 -27.84 -5.75
CA GLY A 267 -18.56 -26.68 -6.15
C GLY A 267 -18.10 -25.86 -4.97
N GLN A 268 -18.85 -25.95 -3.86
CA GLN A 268 -18.47 -25.23 -2.66
C GLN A 268 -17.29 -25.89 -1.97
N ALA A 269 -17.26 -27.23 -1.94
CA ALA A 269 -16.14 -27.92 -1.33
C ALA A 269 -14.85 -27.74 -2.13
N LEU A 270 -14.97 -27.60 -3.46
CA LEU A 270 -13.78 -27.38 -4.27
C LEU A 270 -13.18 -26.00 -4.01
N ASP A 271 -14.05 -24.99 -3.80
CA ASP A 271 -13.54 -23.66 -3.50
C ASP A 271 -12.86 -23.61 -2.16
N ARG A 272 -13.45 -24.24 -1.14
CA ARG A 272 -12.83 -24.29 0.19
C ARG A 272 -11.46 -24.95 0.13
N VAL A 273 -11.27 -25.91 -0.79
CA VAL A 273 -9.96 -26.53 -0.95
C VAL A 273 -8.99 -25.57 -1.63
N LEU A 274 -9.40 -25.00 -2.76
CA LEU A 274 -8.49 -24.15 -3.54
C LEU A 274 -8.26 -22.81 -2.86
N ASN A 275 -9.24 -22.31 -2.10
CA ASN A 275 -9.05 -21.05 -1.39
C ASN A 275 -8.23 -21.21 -0.12
N SER A 276 -8.04 -22.44 0.36
CA SER A 276 -7.20 -22.72 1.51
C SER A 276 -5.78 -23.14 1.12
N VAL A 277 -5.63 -23.94 0.07
CA VAL A 277 -4.31 -24.32 -0.40
C VAL A 277 -3.60 -23.13 -1.03
N PHE A 278 -4.33 -22.30 -1.78
CA PHE A 278 -3.75 -21.12 -2.40
C PHE A 278 -4.55 -19.87 -2.05
N GLN A 279 -4.20 -18.75 -2.70
CA GLN A 279 -4.95 -17.50 -2.58
C GLN A 279 -4.99 -16.85 -3.97
N ALA A 280 -5.66 -17.54 -4.91
CA ALA A 280 -5.61 -17.17 -6.32
C ALA A 280 -5.95 -15.70 -6.53
N GLU A 281 -5.18 -15.06 -7.41
CA GLU A 281 -5.33 -13.64 -7.70
C GLU A 281 -5.36 -13.45 -9.21
N PHE A 282 -6.48 -12.97 -9.73
CA PHE A 282 -6.65 -12.73 -11.15
C PHE A 282 -6.53 -11.24 -11.44
N HIS A 283 -5.92 -10.91 -12.57
CA HIS A 283 -5.65 -9.52 -12.93
C HIS A 283 -6.15 -9.24 -14.34
N ILE A 284 -6.78 -8.08 -14.51
CA ILE A 284 -7.30 -7.63 -15.79
C ILE A 284 -6.64 -6.30 -16.12
N PRO A 285 -6.06 -6.13 -17.30
CA PRO A 285 -5.29 -4.92 -17.60
C PRO A 285 -6.17 -3.68 -17.66
N ARG A 286 -5.58 -2.55 -17.23
CA ARG A 286 -6.15 -1.22 -17.40
C ARG A 286 -7.51 -1.06 -16.71
N LEU A 287 -8.58 -1.47 -17.40
CA LEU A 287 -9.93 -1.19 -16.96
C LEU A 287 -10.80 -2.42 -17.12
N MET A 288 -11.80 -2.55 -16.26
CA MET A 288 -12.79 -3.64 -16.30
C MET A 288 -14.17 -2.98 -16.29
N ALA A 289 -14.68 -2.67 -17.47
CA ALA A 289 -16.00 -2.07 -17.63
C ALA A 289 -16.92 -3.07 -18.33
N THR A 290 -18.05 -3.37 -17.70
CA THR A 290 -18.98 -4.35 -18.25
C THR A 290 -20.36 -4.11 -17.67
N THR A 291 -21.36 -4.67 -18.35
CA THR A 291 -22.74 -4.64 -17.87
C THR A 291 -23.19 -5.97 -17.29
N ASP A 292 -22.49 -7.06 -17.60
CA ASP A 292 -22.79 -8.39 -17.05
C ASP A 292 -21.93 -8.60 -15.81
N TYR A 293 -22.50 -8.30 -14.65
CA TYR A 293 -21.78 -8.45 -13.39
C TYR A 293 -22.81 -8.72 -12.29
N ALA A 294 -22.34 -8.70 -11.03
CA ALA A 294 -23.21 -8.93 -9.89
C ALA A 294 -22.59 -8.25 -8.67
N LYS A 295 -23.40 -7.46 -7.97
CA LYS A 295 -22.95 -6.71 -6.81
C LYS A 295 -23.66 -7.23 -5.57
N HIS A 296 -22.88 -7.78 -4.63
CA HIS A 296 -23.42 -8.32 -3.39
C HIS A 296 -22.89 -7.51 -2.21
N PRO A 297 -23.74 -6.79 -1.48
CA PRO A 297 -23.28 -6.13 -0.24
C PRO A 297 -22.98 -7.16 0.85
N LEU A 298 -21.69 -7.41 1.10
CA LEU A 298 -21.32 -8.48 2.00
C LEU A 298 -21.57 -8.08 3.46
N ARG A 299 -21.06 -6.93 3.86
CA ARG A 299 -21.12 -6.47 5.24
C ARG A 299 -21.52 -5.01 5.26
N PRO A 300 -22.03 -4.51 6.38
CA PRO A 300 -22.27 -3.06 6.49
C PRO A 300 -20.96 -2.28 6.41
N MET A 301 -21.04 -1.10 5.80
CA MET A 301 -19.89 -0.23 5.63
C MET A 301 -19.84 0.80 6.76
N LEU A 302 -18.63 1.20 7.11
CA LEU A 302 -18.41 2.13 8.21
C LEU A 302 -18.08 3.53 7.68
N LEU A 303 -17.91 4.47 8.61
CA LEU A 303 -17.70 5.86 8.25
C LEU A 303 -16.36 6.05 7.56
N LYS A 304 -15.27 5.58 8.18
CA LYS A 304 -13.94 5.73 7.61
C LYS A 304 -13.82 4.99 6.28
N GLU A 305 -14.60 3.92 6.10
CA GLU A 305 -14.50 3.13 4.88
C GLU A 305 -14.93 3.93 3.65
N ALA A 306 -15.95 4.77 3.79
CA ALA A 306 -16.47 5.57 2.69
C ALA A 306 -15.69 6.84 2.45
N VAL A 307 -15.12 7.44 3.49
CA VAL A 307 -14.37 8.69 3.33
C VAL A 307 -13.10 8.45 2.52
N ASP A 308 -12.45 7.30 2.72
CA ASP A 308 -11.21 7.02 2.00
C ASP A 308 -11.47 6.72 0.53
N SER A 309 -12.50 5.93 0.24
CA SER A 309 -12.83 5.55 -1.13
C SER A 309 -13.75 6.53 -1.82
N VAL A 310 -14.15 7.61 -1.15
CA VAL A 310 -15.05 8.63 -1.70
C VAL A 310 -16.33 7.97 -2.17
N ASN A 311 -17.14 7.49 -1.23
CA ASN A 311 -18.45 6.90 -1.52
C ASN A 311 -19.50 7.81 -0.88
N LEU A 312 -19.73 8.95 -1.54
CA LEU A 312 -20.63 9.96 -0.97
C LEU A 312 -22.07 9.49 -0.80
N PRO A 313 -22.69 8.77 -1.75
CA PRO A 313 -24.07 8.30 -1.51
C PRO A 313 -24.20 7.43 -0.26
N ALA A 314 -23.23 6.56 0.00
CA ALA A 314 -23.28 5.75 1.22
C ALA A 314 -22.99 6.58 2.46
N LEU A 315 -22.16 7.62 2.33
CA LEU A 315 -21.81 8.46 3.46
C LEU A 315 -23.00 9.27 3.98
N SER A 316 -24.02 9.47 3.15
CA SER A 316 -25.16 10.29 3.56
C SER A 316 -25.93 9.63 4.71
N GLY A 317 -26.04 8.31 4.68
CA GLY A 317 -26.77 7.60 5.71
C GLY A 317 -25.91 7.22 6.90
N LEU A 318 -24.60 7.10 6.69
CA LEU A 318 -23.70 6.73 7.77
C LEU A 318 -23.59 7.83 8.82
N VAL A 319 -23.83 9.08 8.43
CA VAL A 319 -23.79 10.20 9.35
C VAL A 319 -25.20 10.47 9.83
N SER A 320 -25.46 10.20 11.10
CA SER A 320 -26.78 10.40 11.69
C SER A 320 -26.77 11.44 12.81
N SER A 321 -25.62 12.01 13.14
CA SER A 321 -25.54 13.02 14.20
C SER A 321 -24.45 14.02 13.83
N LYS A 322 -24.48 15.16 14.52
CA LYS A 322 -23.45 16.17 14.31
C LYS A 322 -22.08 15.69 14.78
N GLY A 323 -22.03 14.75 15.72
CA GLY A 323 -20.76 14.18 16.12
C GLY A 323 -20.17 13.27 15.05
N ASP A 324 -21.03 12.46 14.41
CA ASP A 324 -20.56 11.61 13.31
C ASP A 324 -20.14 12.45 12.11
N ALA A 325 -20.73 13.63 11.94
CA ALA A 325 -20.31 14.52 10.86
C ALA A 325 -18.95 15.13 11.15
N VAL A 326 -18.72 15.52 12.40
CA VAL A 326 -17.40 16.03 12.79
C VAL A 326 -16.35 14.93 12.64
N THR A 327 -16.67 13.73 13.11
CA THR A 327 -15.75 12.61 12.99
C THR A 327 -15.44 12.30 11.53
N ALA A 328 -16.45 12.42 10.65
CA ALA A 328 -16.23 12.17 9.24
C ALA A 328 -15.39 13.26 8.59
N MET A 329 -15.45 14.48 9.13
CA MET A 329 -14.67 15.57 8.55
C MET A 329 -13.18 15.40 8.82
N TRP A 330 -12.83 14.93 10.02
CA TRP A 330 -11.42 14.72 10.35
C TRP A 330 -10.78 13.68 9.44
N HIS A 331 -11.55 12.65 9.04
CA HIS A 331 -11.02 11.65 8.13
C HIS A 331 -10.76 12.22 6.75
N ALA A 332 -11.58 13.18 6.31
CA ALA A 332 -11.35 13.81 5.02
C ALA A 332 -10.14 14.74 5.05
N ILE A 333 -9.86 15.35 6.21
CA ILE A 333 -8.71 16.24 6.31
C ILE A 333 -7.42 15.44 6.24
N ASP A 334 -7.35 14.31 6.94
CA ASP A 334 -6.12 13.52 7.00
C ASP A 334 -5.84 12.84 5.66
N LYS A 335 -6.80 12.06 5.15
CA LYS A 335 -6.60 11.34 3.91
C LYS A 335 -6.60 12.26 2.69
N GLY A 336 -7.05 13.50 2.83
CA GLY A 336 -7.00 14.45 1.74
C GLY A 336 -8.04 14.22 0.66
N LYS A 337 -9.31 14.20 1.04
CA LYS A 337 -10.42 14.05 0.11
C LYS A 337 -11.23 15.34 0.08
N ASP A 338 -11.41 15.91 -1.12
CA ASP A 338 -12.05 17.20 -1.25
C ASP A 338 -13.58 17.07 -1.25
N ALA A 339 -14.11 16.23 -2.15
CA ALA A 339 -15.56 16.13 -2.30
C ALA A 339 -16.23 15.60 -1.04
N VAL A 340 -15.51 14.79 -0.26
CA VAL A 340 -16.09 14.27 0.99
C VAL A 340 -16.33 15.42 1.97
N ALA A 341 -15.44 16.41 1.98
CA ALA A 341 -15.64 17.58 2.83
C ALA A 341 -16.73 18.50 2.28
N ALA A 342 -17.00 18.45 0.98
CA ALA A 342 -18.02 19.31 0.40
C ALA A 342 -19.43 18.86 0.80
N HIS A 343 -19.66 17.55 0.82
CA HIS A 343 -20.98 17.04 1.19
C HIS A 343 -21.26 17.27 2.67
N LEU A 344 -20.28 17.02 3.53
CA LEU A 344 -20.45 17.29 4.95
C LEU A 344 -20.54 18.77 5.26
N LEU A 345 -20.14 19.63 4.32
CA LEU A 345 -20.12 21.07 4.57
C LEU A 345 -21.52 21.64 4.70
N GLY A 346 -22.40 21.31 3.75
CA GLY A 346 -23.73 21.88 3.74
C GLY A 346 -24.77 21.08 4.50
N ASN A 347 -24.64 19.75 4.47
CA ASN A 347 -25.59 18.90 5.16
C ASN A 347 -25.51 19.09 6.67
N TRP A 348 -24.33 19.42 7.19
CA TRP A 348 -24.14 19.68 8.62
C TRP A 348 -23.38 20.98 8.78
N ARG A 349 -23.96 21.91 9.54
CA ARG A 349 -23.37 23.23 9.78
C ARG A 349 -22.70 23.20 11.14
N PHE A 350 -21.38 23.10 11.15
CA PHE A 350 -20.62 22.96 12.40
C PHE A 350 -20.40 24.33 13.03
N GLU A 351 -19.49 24.38 14.01
CA GLU A 351 -19.06 25.62 14.63
C GLU A 351 -17.55 25.57 14.80
N ALA A 352 -16.98 26.64 15.35
CA ALA A 352 -15.53 26.70 15.52
C ALA A 352 -15.06 25.76 16.62
N GLY A 353 -15.84 25.64 17.70
CA GLY A 353 -15.46 24.79 18.81
C GLY A 353 -15.65 23.31 18.56
N ASP A 354 -16.28 22.93 17.45
CA ASP A 354 -16.49 21.52 17.15
C ASP A 354 -15.17 20.82 16.84
N PHE A 355 -14.36 21.42 15.97
CA PHE A 355 -13.06 20.88 15.60
C PHE A 355 -11.92 21.45 16.45
N ALA A 356 -12.23 21.98 17.63
CA ALA A 356 -11.19 22.57 18.47
C ALA A 356 -10.33 21.50 19.12
N SER A 357 -10.95 20.50 19.73
CA SER A 357 -10.23 19.44 20.41
C SER A 357 -9.69 18.43 19.39
N ALA A 358 -9.08 17.37 19.90
CA ALA A 358 -8.55 16.31 19.06
C ALA A 358 -9.39 15.06 19.22
N PRO A 359 -9.93 14.49 18.14
CA PRO A 359 -10.78 13.30 18.29
C PRO A 359 -9.95 12.10 18.74
N PRO A 360 -10.57 11.14 19.40
CA PRO A 360 -9.84 9.93 19.80
C PRO A 360 -9.44 9.12 18.57
N GLY A 361 -8.18 8.71 18.53
CA GLY A 361 -7.63 7.99 17.40
C GLY A 361 -6.90 8.86 16.40
N PHE A 362 -6.85 10.17 16.62
CA PHE A 362 -6.15 11.10 15.74
C PHE A 362 -4.92 11.63 16.48
N TYR A 363 -3.73 11.24 16.01
CA TYR A 363 -2.48 11.63 16.64
C TYR A 363 -1.93 12.94 16.10
N HIS A 364 -2.77 13.75 15.47
CA HIS A 364 -2.40 15.10 15.03
C HIS A 364 -3.54 16.04 15.39
N GLU A 365 -3.21 17.33 15.50
CA GLU A 365 -4.19 18.33 15.90
C GLU A 365 -4.80 18.98 14.66
N LEU A 366 -5.63 20.01 14.87
CA LEU A 366 -6.36 20.61 13.76
C LEU A 366 -5.43 21.38 12.82
N ASN A 367 -4.62 22.29 13.38
CA ASN A 367 -3.81 23.16 12.54
C ASN A 367 -2.73 22.41 11.78
N TYR A 368 -2.18 21.34 12.37
CA TYR A 368 -1.12 20.59 11.69
C TYR A 368 -1.68 19.69 10.59
N ALA A 369 -2.87 19.13 10.80
CA ALA A 369 -3.47 18.28 9.78
C ALA A 369 -3.81 19.08 8.53
N LEU A 370 -4.26 20.32 8.69
CA LEU A 370 -4.55 21.18 7.55
C LEU A 370 -3.30 21.60 6.81
N SER A 371 -2.14 21.53 7.46
CA SER A 371 -0.87 21.92 6.85
C SER A 371 0.05 20.73 6.62
N GLU A 372 -0.45 19.51 6.77
CA GLU A 372 0.38 18.31 6.61
C GLU A 372 0.78 18.15 5.15
N HIS A 373 1.71 17.22 4.91
CA HIS A 373 2.17 16.93 3.56
C HIS A 373 1.04 16.26 2.78
N GLY A 374 0.69 16.83 1.63
CA GLY A 374 -0.40 16.32 0.83
C GLY A 374 -1.77 16.84 1.21
N ALA A 375 -1.85 17.76 2.17
CA ALA A 375 -3.13 18.35 2.54
C ALA A 375 -3.71 19.15 1.37
N SER A 376 -5.03 19.30 1.38
CA SER A 376 -5.74 19.97 0.31
C SER A 376 -5.92 21.44 0.64
N VAL A 377 -5.60 22.31 -0.33
CA VAL A 377 -5.87 23.73 -0.17
C VAL A 377 -7.37 23.97 -0.09
N TYR A 378 -8.16 23.17 -0.83
CA TYR A 378 -9.61 23.30 -0.76
C TYR A 378 -10.12 23.05 0.65
N ILE A 379 -9.61 21.99 1.30
CA ILE A 379 -9.97 21.76 2.70
C ILE A 379 -9.42 22.89 3.57
N LEU A 380 -8.31 23.50 3.17
CA LEU A 380 -7.71 24.55 3.99
C LEU A 380 -8.34 25.90 3.72
N ASP A 381 -8.58 26.24 2.45
CA ASP A 381 -9.15 27.54 2.12
C ASP A 381 -10.57 27.66 2.65
N GLN A 382 -11.39 26.63 2.46
CA GLN A 382 -12.75 26.65 2.98
C GLN A 382 -12.79 26.61 4.50
N PHE A 383 -11.69 26.17 5.14
CA PHE A 383 -11.64 26.15 6.59
C PHE A 383 -11.25 27.50 7.16
N LEU A 384 -10.39 28.24 6.47
CA LEU A 384 -10.02 29.58 6.93
C LEU A 384 -11.03 30.63 6.51
N SER A 385 -11.75 30.40 5.40
CA SER A 385 -12.78 31.34 4.98
C SER A 385 -13.91 31.41 5.99
N ARG A 386 -14.35 30.26 6.51
CA ARG A 386 -15.34 30.22 7.57
C ARG A 386 -14.78 30.58 8.93
N GLY A 387 -13.45 30.70 9.05
CA GLY A 387 -12.85 31.07 10.32
C GLY A 387 -12.95 30.03 11.41
N TRP A 388 -13.15 28.77 11.05
CA TRP A 388 -13.25 27.70 12.04
C TRP A 388 -11.91 27.31 12.65
N ALA A 389 -10.82 27.99 12.29
CA ALA A 389 -9.52 27.73 12.86
C ALA A 389 -8.72 29.02 12.87
N ALA A 390 -7.79 29.11 13.82
CA ALA A 390 -6.93 30.28 13.91
C ALA A 390 -5.96 30.31 12.74
N VAL A 391 -5.51 31.51 12.39
CA VAL A 391 -4.68 31.70 11.20
C VAL A 391 -3.20 31.55 11.52
N ASN A 392 -2.75 32.05 12.68
CA ASN A 392 -1.33 32.06 13.01
C ASN A 392 -1.03 31.38 14.34
N ALA A 393 -1.98 30.65 14.91
CA ALA A 393 -1.73 29.95 16.17
C ALA A 393 -0.78 28.80 15.93
N PRO A 394 0.41 28.80 16.54
CA PRO A 394 1.36 27.71 16.29
C PRO A 394 0.90 26.42 16.96
N PHE A 395 1.50 25.31 16.51
CA PHE A 395 1.14 24.01 17.02
C PHE A 395 1.68 23.83 18.44
N GLU A 396 0.95 23.05 19.24
CA GLU A 396 1.33 22.78 20.63
C GLU A 396 1.53 21.30 20.91
N HIS A 397 1.66 20.46 19.87
CA HIS A 397 1.80 19.03 20.07
C HIS A 397 2.82 18.42 19.12
N VAL A 398 2.84 18.89 17.87
CA VAL A 398 3.73 18.35 16.84
C VAL A 398 4.42 19.52 16.14
N ASN A 399 5.75 19.46 16.07
CA ASN A 399 6.57 20.54 15.51
C ASN A 399 6.22 21.87 16.18
N SER A 400 6.23 21.86 17.51
CA SER A 400 5.83 23.04 18.27
C SER A 400 6.75 24.22 17.97
N GLY A 401 6.20 25.41 18.07
CA GLY A 401 6.92 26.61 17.70
C GLY A 401 6.87 26.96 16.23
N GLU A 402 6.05 26.25 15.45
CA GLU A 402 5.91 26.50 14.02
C GLU A 402 4.46 26.74 13.69
N THR A 403 4.23 27.44 12.58
CA THR A 403 2.90 27.87 12.17
C THR A 403 2.44 27.08 10.94
N MET A 404 1.29 27.51 10.39
CA MET A 404 0.77 26.87 9.18
C MET A 404 1.72 27.07 8.01
N LEU A 405 2.20 28.30 7.82
CA LEU A 405 3.10 28.60 6.72
C LEU A 405 4.45 27.90 6.86
N ASP A 406 4.82 27.50 8.08
CA ASP A 406 6.07 26.77 8.27
C ASP A 406 6.07 25.47 7.47
N ASN A 407 5.01 24.67 7.62
CA ASN A 407 4.92 23.42 6.86
C ASN A 407 4.71 23.68 5.38
N ALA A 408 3.99 24.75 5.03
CA ALA A 408 3.75 25.05 3.62
C ALA A 408 5.04 25.31 2.87
N VAL A 409 5.93 26.10 3.47
CA VAL A 409 7.25 26.34 2.87
C VAL A 409 8.20 25.19 3.09
N LYS A 410 7.98 24.39 4.14
CA LYS A 410 8.88 23.27 4.43
C LYS A 410 8.86 22.24 3.31
N TYR A 411 7.66 21.78 2.93
CA TYR A 411 7.55 20.78 1.86
C TYR A 411 7.68 21.39 0.48
N GLY A 412 7.46 22.70 0.34
CA GLY A 412 7.57 23.36 -0.94
C GLY A 412 6.27 23.54 -1.69
N ASN A 413 5.13 23.35 -1.04
CA ASN A 413 3.83 23.50 -1.70
C ASN A 413 3.60 24.98 -1.99
N ARG A 414 3.65 25.36 -3.26
CA ARG A 414 3.50 26.76 -3.63
C ARG A 414 2.05 27.23 -3.48
N GLU A 415 1.09 26.35 -3.76
CA GLU A 415 -0.32 26.72 -3.69
C GLU A 415 -0.82 26.85 -2.25
N MET A 416 -0.29 26.05 -1.33
CA MET A 416 -0.70 26.15 0.07
C MET A 416 -0.20 27.43 0.70
N ALA A 417 1.02 27.85 0.35
CA ALA A 417 1.57 29.09 0.91
C ALA A 417 0.85 30.32 0.34
N ALA A 418 0.28 30.20 -0.85
CA ALA A 418 -0.42 31.35 -1.45
C ALA A 418 -1.71 31.66 -0.71
N ALA A 419 -2.45 30.63 -0.31
CA ALA A 419 -3.71 30.84 0.38
C ALA A 419 -3.52 31.23 1.84
N LEU A 420 -2.44 30.75 2.47
CA LEU A 420 -2.20 31.10 3.87
C LEU A 420 -1.89 32.58 4.03
N ILE A 421 -1.06 33.14 3.14
CA ILE A 421 -0.79 34.57 3.18
C ILE A 421 -2.01 35.36 2.75
N LYS A 422 -2.82 34.80 1.85
CA LYS A 422 -4.05 35.46 1.42
C LYS A 422 -5.03 35.63 2.57
N HIS A 423 -4.93 34.80 3.61
CA HIS A 423 -5.76 34.92 4.80
C HIS A 423 -5.06 35.68 5.92
N GLY A 424 -3.90 36.29 5.65
CA GLY A 424 -3.22 37.09 6.63
C GLY A 424 -2.28 36.30 7.53
N ALA A 425 -1.29 35.65 6.93
CA ALA A 425 -0.29 34.91 7.69
C ALA A 425 0.93 35.79 7.92
N ASP A 426 1.32 35.96 9.18
CA ASP A 426 2.47 36.78 9.52
C ASP A 426 3.74 36.13 8.99
N ARG A 427 4.32 36.71 7.95
CA ARG A 427 5.53 36.16 7.33
C ARG A 427 6.73 36.17 8.25
N ASN A 428 6.65 36.85 9.40
CA ASN A 428 7.75 36.94 10.34
C ASN A 428 7.56 36.04 11.56
N LEU A 429 6.65 35.07 11.47
CA LEU A 429 6.43 34.11 12.55
C LEU A 429 7.10 32.77 12.29
N LEU A 430 7.73 32.59 11.14
CA LEU A 430 8.45 31.36 10.85
C LEU A 430 9.76 31.31 11.63
N SER A 431 10.24 30.09 11.86
CA SER A 431 11.53 29.91 12.51
C SER A 431 12.66 30.27 11.53
N GLU A 432 13.90 30.13 12.00
CA GLU A 432 15.05 30.47 11.18
C GLU A 432 15.19 29.54 9.98
N TRP A 433 14.66 28.32 10.07
CA TRP A 433 14.80 27.33 9.01
C TRP A 433 13.80 27.52 7.87
N ASN A 434 13.25 28.73 7.74
CA ASN A 434 12.34 29.05 6.65
C ASN A 434 12.70 30.40 6.05
N GLY A 435 12.84 31.42 6.91
CA GLY A 435 13.35 32.72 6.54
C GLY A 435 12.79 33.34 5.28
N GLY A 436 13.66 33.51 4.28
CA GLY A 436 13.30 34.16 3.03
C GLY A 436 13.04 33.23 1.86
N LYS A 437 12.94 31.92 2.09
CA LYS A 437 12.60 30.99 1.02
C LYS A 437 11.17 31.17 0.52
N LEU A 438 10.37 32.01 1.20
CA LEU A 438 8.96 32.15 0.85
C LEU A 438 8.79 32.87 -0.49
N ASP A 439 9.67 33.83 -0.79
CA ASP A 439 9.51 34.62 -2.01
C ASP A 439 9.72 33.78 -3.26
N ALA A 440 10.54 32.72 -3.17
CA ALA A 440 10.75 31.85 -4.32
C ALA A 440 9.53 31.00 -4.67
N LEU A 441 8.56 30.90 -3.75
CA LEU A 441 7.36 30.11 -3.99
C LEU A 441 6.13 30.93 -4.29
N LEU A 442 6.15 32.23 -3.99
CA LEU A 442 4.96 33.06 -4.21
C LEU A 442 4.66 33.23 -5.69
N ALA A 443 5.69 33.48 -6.50
CA ALA A 443 5.50 33.68 -7.93
C ALA A 443 6.74 33.26 -8.71
N PRO B 34 27.08 2.60 45.85
CA PRO B 34 26.00 2.65 44.84
C PRO B 34 25.18 1.36 44.81
N THR B 35 23.86 1.51 44.66
CA THR B 35 22.94 0.37 44.67
C THR B 35 22.95 -0.44 43.39
N TYR B 36 23.92 -0.22 42.50
CA TYR B 36 23.99 -0.89 41.20
C TYR B 36 22.70 -0.68 40.40
N GLN B 37 22.08 0.49 40.58
CA GLN B 37 20.79 0.79 39.97
C GLN B 37 20.61 2.29 39.93
N TYR B 38 20.23 2.81 38.76
CA TYR B 38 20.08 4.25 38.60
C TYR B 38 18.99 4.79 39.51
N ASN B 39 19.25 5.97 40.07
CA ASN B 39 18.29 6.61 40.96
C ASN B 39 17.11 7.15 40.15
N MET B 40 15.91 6.64 40.44
CA MET B 40 14.69 7.04 39.75
C MET B 40 13.75 7.82 40.68
N ASN B 41 14.31 8.49 41.68
CA ASN B 41 13.51 9.23 42.66
C ASN B 41 13.47 10.71 42.30
N PHE B 42 12.89 11.00 41.14
CA PHE B 42 12.74 12.34 40.61
C PHE B 42 11.26 12.61 40.33
N GLU B 43 10.95 13.88 40.05
CA GLU B 43 9.59 14.26 39.69
C GLU B 43 9.20 13.62 38.37
N LYS B 44 9.77 14.13 37.28
CA LYS B 44 9.52 13.59 35.95
C LYS B 44 10.61 12.59 35.57
N LEU B 45 10.22 11.59 34.78
CA LEU B 45 11.18 10.57 34.35
C LEU B 45 12.24 11.17 33.43
N GLY B 46 11.87 12.15 32.62
CA GLY B 46 12.82 12.80 31.75
C GLY B 46 12.16 13.24 30.45
N LYS B 47 12.98 13.79 29.57
CA LYS B 47 12.53 14.26 28.27
C LYS B 47 12.66 13.15 27.24
N CYS B 48 11.80 13.18 26.23
CA CYS B 48 11.80 12.19 25.16
C CYS B 48 11.46 12.90 23.86
N ILE B 49 12.45 13.01 22.97
CA ILE B 49 12.28 13.64 21.66
C ILE B 49 12.20 12.54 20.60
N ILE B 50 11.18 12.63 19.75
CA ILE B 50 10.98 11.68 18.67
C ILE B 50 11.08 12.42 17.35
N ILE B 51 12.10 12.11 16.56
CA ILE B 51 12.28 12.67 15.24
C ILE B 51 11.69 11.70 14.23
N ASN B 52 10.74 12.18 13.42
CA ASN B 52 10.00 11.33 12.47
C ASN B 52 10.11 11.96 11.09
N ASN B 53 11.21 11.68 10.40
CA ASN B 53 11.44 12.20 9.04
C ASN B 53 10.81 11.22 8.07
N LYS B 54 9.62 11.57 7.58
CA LYS B 54 8.89 10.74 6.61
C LYS B 54 9.10 11.17 5.17
N ASN B 55 9.14 12.47 4.91
CA ASN B 55 9.31 13.00 3.56
C ASN B 55 10.66 13.71 3.46
N PHE B 56 11.28 13.61 2.29
CA PHE B 56 12.60 14.16 2.05
C PHE B 56 12.59 14.97 0.76
N ASP B 57 13.54 15.90 0.67
CA ASP B 57 13.62 16.76 -0.49
C ASP B 57 14.10 15.99 -1.72
N LYS B 58 13.83 16.54 -2.90
CA LYS B 58 14.31 15.95 -4.14
C LYS B 58 15.83 16.00 -4.26
N VAL B 59 16.47 16.95 -3.57
CA VAL B 59 17.93 17.06 -3.64
C VAL B 59 18.59 15.85 -3.00
N THR B 60 17.92 15.21 -2.04
CA THR B 60 18.49 14.04 -1.38
C THR B 60 18.30 12.76 -2.18
N GLY B 61 17.31 12.71 -3.06
CA GLY B 61 17.08 11.51 -3.84
C GLY B 61 16.56 10.33 -3.06
N MET B 62 15.88 10.58 -1.94
CA MET B 62 15.33 9.53 -1.10
C MET B 62 13.81 9.48 -1.24
N GLY B 63 13.25 8.28 -1.05
CA GLY B 63 11.82 8.09 -1.14
C GLY B 63 11.10 8.28 0.18
N VAL B 64 9.77 8.30 0.11
CA VAL B 64 8.96 8.49 1.30
C VAL B 64 8.98 7.21 2.14
N ARG B 65 9.15 7.37 3.45
CA ARG B 65 9.16 6.24 4.39
C ARG B 65 7.72 5.97 4.80
N ASN B 66 7.04 5.12 4.05
CA ASN B 66 5.67 4.77 4.36
C ASN B 66 5.61 3.90 5.61
N GLY B 67 4.60 4.13 6.44
CA GLY B 67 4.43 3.38 7.66
C GLY B 67 5.16 3.92 8.87
N THR B 68 6.03 4.92 8.69
CA THR B 68 6.74 5.49 9.83
C THR B 68 5.82 6.33 10.71
N ASP B 69 4.69 6.79 10.17
CA ASP B 69 3.69 7.42 11.02
C ASP B 69 3.10 6.42 12.01
N LYS B 70 3.03 5.13 11.62
CA LYS B 70 2.59 4.11 12.55
C LYS B 70 3.65 3.80 13.60
N ASP B 71 4.93 3.91 13.22
CA ASP B 71 6.00 3.73 14.20
C ASP B 71 6.04 4.89 15.18
N ALA B 72 5.85 6.12 14.69
CA ALA B 72 5.88 7.29 15.58
C ALA B 72 4.70 7.29 16.54
N GLU B 73 3.55 6.77 16.13
CA GLU B 73 2.40 6.72 17.03
C GLU B 73 2.59 5.65 18.10
N ALA B 74 3.18 4.51 17.74
CA ALA B 74 3.42 3.46 18.71
C ALA B 74 4.47 3.87 19.73
N LEU B 75 5.52 4.57 19.29
CA LEU B 75 6.56 5.02 20.21
C LEU B 75 6.05 6.11 21.14
N PHE B 76 5.10 6.93 20.68
CA PHE B 76 4.58 8.01 21.51
C PHE B 76 3.82 7.47 22.71
N LYS B 77 2.75 6.69 22.46
CA LYS B 77 1.93 6.18 23.55
C LYS B 77 2.68 5.17 24.42
N CYS B 78 3.79 4.60 23.92
CA CYS B 78 4.55 3.66 24.71
C CYS B 78 5.48 4.37 25.69
N PHE B 79 6.28 5.32 25.19
CA PHE B 79 7.16 6.08 26.08
C PHE B 79 6.37 7.01 26.98
N ARG B 80 5.21 7.50 26.52
CA ARG B 80 4.34 8.27 27.41
C ARG B 80 3.80 7.41 28.54
N SER B 81 3.55 6.13 28.28
CA SER B 81 3.10 5.22 29.32
C SER B 81 4.19 4.96 30.36
N LEU B 82 5.45 4.97 29.94
CA LEU B 82 6.54 4.75 30.87
C LEU B 82 6.67 5.92 31.84
N GLY B 83 6.48 7.15 31.35
CA GLY B 83 6.53 8.32 32.22
C GLY B 83 7.30 9.47 31.64
N PHE B 84 7.58 9.44 30.34
CA PHE B 84 8.35 10.48 29.68
C PHE B 84 7.44 11.63 29.24
N ASP B 85 8.07 12.77 28.99
CA ASP B 85 7.37 13.95 28.45
C ASP B 85 7.67 14.00 26.95
N VAL B 86 6.96 13.17 26.20
CA VAL B 86 7.28 12.93 24.80
C VAL B 86 6.80 14.11 23.96
N ILE B 87 7.67 14.60 23.09
CA ILE B 87 7.34 15.62 22.10
C ILE B 87 7.82 15.13 20.74
N VAL B 88 6.96 15.23 19.73
CA VAL B 88 7.22 14.66 18.41
C VAL B 88 7.50 15.80 17.42
N TYR B 89 8.46 15.57 16.54
CA TYR B 89 8.79 16.50 15.46
C TYR B 89 8.90 15.72 14.16
N ASN B 90 8.15 16.14 13.15
CA ASN B 90 8.07 15.45 11.87
C ASN B 90 8.78 16.24 10.79
N ASP B 91 9.61 15.54 10.02
CA ASP B 91 10.30 16.10 8.84
C ASP B 91 11.10 17.35 9.22
N CYS B 92 12.20 17.10 9.92
CA CYS B 92 13.08 18.16 10.38
C CYS B 92 14.33 18.22 9.51
N SER B 93 14.77 19.45 9.21
CA SER B 93 16.00 19.64 8.46
C SER B 93 17.21 19.34 9.35
N CYS B 94 18.39 19.31 8.73
CA CYS B 94 19.61 19.04 9.47
C CYS B 94 19.90 20.14 10.48
N ALA B 95 19.60 21.40 10.12
CA ALA B 95 19.77 22.50 11.07
C ALA B 95 18.71 22.46 12.15
N LYS B 96 17.50 21.98 11.82
CA LYS B 96 16.44 21.88 12.82
C LYS B 96 16.76 20.79 13.84
N MET B 97 17.30 19.66 13.38
CA MET B 97 17.63 18.58 14.31
C MET B 97 18.79 18.95 15.23
N GLN B 98 19.78 19.68 14.70
CA GLN B 98 20.90 20.10 15.52
C GLN B 98 20.45 21.07 16.61
N ASP B 99 19.70 22.11 16.23
CA ASP B 99 19.25 23.09 17.20
C ASP B 99 18.23 22.51 18.17
N LEU B 100 17.49 21.48 17.74
CA LEU B 100 16.48 20.88 18.61
C LEU B 100 17.13 20.16 19.79
N LEU B 101 18.13 19.33 19.51
CA LEU B 101 18.86 18.66 20.58
C LEU B 101 19.81 19.61 21.31
N LYS B 102 20.31 20.64 20.62
CA LYS B 102 21.17 21.63 21.27
C LYS B 102 20.39 22.39 22.33
N LYS B 103 19.20 22.87 21.98
CA LYS B 103 18.34 23.52 22.97
C LYS B 103 17.84 22.55 24.02
N ALA B 104 17.78 21.25 23.69
CA ALA B 104 17.32 20.27 24.67
C ALA B 104 18.39 19.99 25.71
N SER B 105 19.66 19.92 25.28
CA SER B 105 20.75 19.69 26.22
C SER B 105 21.02 20.90 27.10
N GLU B 106 20.64 22.10 26.65
CA GLU B 106 20.79 23.31 27.44
C GLU B 106 19.66 23.51 28.43
N GLU B 107 18.68 22.62 28.46
CA GLU B 107 17.59 22.72 29.43
C GLU B 107 18.02 22.16 30.78
N ASP B 108 17.23 22.49 31.80
CA ASP B 108 17.49 22.01 33.15
C ASP B 108 16.91 20.61 33.32
N HIS B 109 17.76 19.65 33.64
CA HIS B 109 17.37 18.26 33.86
C HIS B 109 17.62 17.85 35.31
N THR B 110 17.43 18.79 36.24
CA THR B 110 17.65 18.48 37.65
C THR B 110 16.55 17.56 38.19
N ASN B 111 15.29 17.83 37.82
CA ASN B 111 14.17 17.01 38.24
C ASN B 111 13.90 15.85 37.30
N ALA B 112 14.76 15.63 36.32
CA ALA B 112 14.61 14.55 35.35
C ALA B 112 15.47 13.36 35.77
N ALA B 113 14.89 12.17 35.77
CA ALA B 113 15.64 10.97 36.13
C ALA B 113 16.63 10.59 35.04
N CYS B 114 16.28 10.81 33.78
CA CYS B 114 17.17 10.47 32.67
C CYS B 114 16.77 11.30 31.45
N PHE B 115 17.07 10.79 30.26
CA PHE B 115 16.75 11.46 29.01
C PHE B 115 16.77 10.42 27.89
N ALA B 116 15.85 10.57 26.94
CA ALA B 116 15.74 9.64 25.83
C ALA B 116 15.57 10.41 24.53
N CYS B 117 16.07 9.83 23.44
CA CYS B 117 15.95 10.39 22.11
C CYS B 117 15.67 9.27 21.12
N ILE B 118 14.73 9.50 20.21
CA ILE B 118 14.31 8.52 19.22
C ILE B 118 14.48 9.13 17.83
N LEU B 119 15.06 8.37 16.92
CA LEU B 119 15.34 8.83 15.56
C LEU B 119 14.70 7.86 14.57
N LEU B 120 13.88 8.40 13.66
CA LEU B 120 13.21 7.62 12.63
C LEU B 120 13.43 8.32 11.29
N SER B 121 14.39 7.83 10.50
CA SER B 121 14.73 8.40 9.21
C SER B 121 15.61 7.40 8.47
N HIS B 122 16.16 7.83 7.34
CA HIS B 122 17.12 7.01 6.61
C HIS B 122 18.51 7.16 7.23
N GLY B 123 19.41 6.28 6.80
CA GLY B 123 20.77 6.32 7.32
C GLY B 123 21.72 5.55 6.42
N GLU B 124 23.00 5.68 6.74
CA GLU B 124 24.05 4.98 5.99
C GLU B 124 25.11 4.43 6.93
N GLU B 125 26.11 5.24 7.26
CA GLU B 125 27.21 4.85 8.13
C GLU B 125 27.45 5.96 9.14
N ASN B 126 27.04 5.75 10.38
CA ASN B 126 27.18 6.70 11.48
C ASN B 126 26.50 8.04 11.18
N VAL B 127 25.60 8.07 10.21
CA VAL B 127 24.87 9.28 9.84
C VAL B 127 23.41 8.92 9.58
N ILE B 128 22.52 9.85 9.89
CA ILE B 128 21.11 9.71 9.57
C ILE B 128 20.73 10.80 8.58
N TYR B 129 19.57 10.63 7.95
CA TYR B 129 19.12 11.51 6.88
C TYR B 129 18.13 12.53 7.43
N GLY B 130 18.44 13.81 7.25
CA GLY B 130 17.47 14.86 7.43
C GLY B 130 16.65 15.07 6.17
N LYS B 131 15.69 15.99 6.27
CA LYS B 131 14.85 16.28 5.11
C LYS B 131 15.61 17.02 4.02
N ASP B 132 16.74 17.66 4.35
CA ASP B 132 17.49 18.46 3.40
C ASP B 132 18.94 18.01 3.27
N GLY B 133 19.31 16.88 3.88
CA GLY B 133 20.68 16.41 3.79
C GLY B 133 20.97 15.32 4.79
N VAL B 134 22.22 15.30 5.27
CA VAL B 134 22.67 14.31 6.23
C VAL B 134 23.35 15.02 7.39
N THR B 135 23.37 14.35 8.54
CA THR B 135 24.04 14.85 9.73
C THR B 135 24.60 13.65 10.48
N PRO B 136 25.78 13.77 11.08
CA PRO B 136 26.36 12.63 11.81
C PRO B 136 25.74 12.45 13.18
N ILE B 137 25.89 11.23 13.70
CA ILE B 137 25.36 10.91 15.03
C ILE B 137 26.20 11.59 16.12
N LYS B 138 27.49 11.77 15.88
CA LYS B 138 28.35 12.39 16.88
C LYS B 138 27.94 13.82 17.19
N ASP B 139 27.42 14.55 16.19
CA ASP B 139 26.96 15.91 16.43
C ASP B 139 25.61 15.96 17.13
N LEU B 140 24.80 14.90 17.02
CA LEU B 140 23.55 14.84 17.76
C LEU B 140 23.78 14.54 19.23
N THR B 141 24.87 13.83 19.55
CA THR B 141 25.26 13.57 20.92
C THR B 141 26.43 14.44 21.36
N ALA B 142 26.76 15.47 20.59
CA ALA B 142 27.92 16.31 20.91
C ALA B 142 27.66 17.13 22.17
N HIS B 143 26.54 17.86 22.21
CA HIS B 143 26.21 18.70 23.34
C HIS B 143 25.62 17.93 24.52
N PHE B 144 25.66 16.60 24.48
CA PHE B 144 25.18 15.78 25.59
C PHE B 144 26.31 15.11 26.36
N ARG B 145 27.56 15.48 26.09
CA ARG B 145 28.68 14.95 26.85
C ARG B 145 28.61 15.41 28.30
N GLY B 146 29.40 14.75 29.15
CA GLY B 146 29.36 15.04 30.58
C GLY B 146 29.74 16.46 30.92
N ASP B 147 30.64 17.06 30.14
CA ASP B 147 31.05 18.44 30.39
C ASP B 147 30.05 19.45 29.86
N ARG B 148 29.34 19.13 28.78
CA ARG B 148 28.44 20.05 28.12
C ARG B 148 26.99 19.89 28.57
N CYS B 149 26.74 19.06 29.59
CA CYS B 149 25.39 18.87 30.11
C CYS B 149 25.46 18.35 31.55
N LYS B 150 25.68 19.25 32.51
CA LYS B 150 25.88 18.82 33.89
C LYS B 150 24.59 18.34 34.54
N THR B 151 23.44 18.82 34.06
CA THR B 151 22.18 18.40 34.67
C THR B 151 21.86 16.94 34.36
N LEU B 152 22.31 16.44 33.21
CA LEU B 152 22.14 15.03 32.87
C LEU B 152 23.35 14.19 33.27
N LEU B 153 24.36 14.79 33.89
CA LEU B 153 25.51 14.03 34.35
C LEU B 153 25.07 13.02 35.40
N GLU B 154 25.72 11.85 35.39
CA GLU B 154 25.39 10.69 36.22
C GLU B 154 24.01 10.11 35.91
N LYS B 155 23.36 10.58 34.84
CA LYS B 155 22.06 10.08 34.42
C LYS B 155 22.16 9.49 33.02
N PRO B 156 21.45 8.40 32.75
CA PRO B 156 21.60 7.73 31.45
C PRO B 156 20.92 8.51 30.33
N LYS B 157 21.62 8.65 29.21
CA LYS B 157 21.11 9.29 28.01
C LYS B 157 20.79 8.20 27.00
N LEU B 158 19.51 7.92 26.81
CA LEU B 158 19.07 6.85 25.91
C LEU B 158 18.93 7.39 24.49
N PHE B 159 19.38 6.59 23.52
CA PHE B 159 19.30 6.94 22.11
C PHE B 159 18.85 5.72 21.32
N PHE B 160 17.72 5.85 20.64
CA PHE B 160 17.15 4.78 19.82
C PHE B 160 17.12 5.25 18.38
N ILE B 161 17.87 4.57 17.51
CA ILE B 161 18.05 4.98 16.12
C ILE B 161 17.45 3.93 15.21
N GLN B 162 16.63 4.36 14.27
CA GLN B 162 16.07 3.52 13.21
C GLN B 162 16.50 4.12 11.88
N ALA B 163 17.51 3.51 11.25
CA ALA B 163 18.08 4.01 10.01
C ALA B 163 18.06 2.90 8.96
N ALA B 164 17.24 3.07 7.92
CA ALA B 164 17.14 2.09 6.85
C ALA B 164 18.10 2.46 5.72
N ARG B 165 17.99 1.76 4.60
CA ARG B 165 18.83 2.03 3.44
C ARG B 165 18.19 1.51 2.17
N ILE B 191 30.91 6.57 15.81
CA ILE B 191 30.14 6.36 17.03
C ILE B 191 30.96 6.81 18.24
N PRO B 192 30.40 7.75 19.02
CA PRO B 192 31.11 8.23 20.21
C PRO B 192 30.86 7.39 21.44
N VAL B 193 31.92 7.17 22.21
CA VAL B 193 31.86 6.37 23.43
C VAL B 193 32.11 7.32 24.60
N GLU B 194 31.05 7.57 25.38
CA GLU B 194 31.14 8.48 26.52
C GLU B 194 30.85 7.74 27.82
N ALA B 195 29.96 8.30 28.64
CA ALA B 195 29.60 7.72 29.92
C ALA B 195 28.10 7.85 30.12
N ASP B 196 27.47 6.76 30.57
CA ASP B 196 26.02 6.71 30.80
C ASP B 196 25.25 6.97 29.51
N PHE B 197 25.70 6.35 28.41
CA PHE B 197 25.04 6.44 27.12
C PHE B 197 24.64 5.05 26.65
N LEU B 198 23.55 4.99 25.90
CA LEU B 198 23.05 3.74 25.35
C LEU B 198 22.50 4.00 23.96
N PHE B 199 22.94 3.20 22.99
CA PHE B 199 22.52 3.31 21.60
C PHE B 199 21.80 2.04 21.17
N ALA B 200 20.74 2.21 20.39
CA ALA B 200 19.97 1.10 19.83
C ALA B 200 19.96 1.26 18.32
N TYR B 201 21.06 0.83 17.69
CA TYR B 201 21.26 1.02 16.26
C TYR B 201 20.65 -0.15 15.50
N SER B 202 19.77 0.16 14.54
CA SER B 202 19.10 -0.85 13.73
C SER B 202 19.15 -0.43 12.28
N THR B 203 19.77 -1.27 11.44
CA THR B 203 19.89 -1.00 10.01
C THR B 203 19.00 -1.91 9.18
N VAL B 204 17.96 -2.47 9.77
CA VAL B 204 17.10 -3.44 9.10
C VAL B 204 15.80 -2.75 8.72
N PRO B 205 15.46 -2.65 7.43
CA PRO B 205 14.15 -2.13 7.05
C PRO B 205 13.06 -3.16 7.28
N GLY B 206 11.84 -2.66 7.49
CA GLY B 206 10.69 -3.51 7.76
C GLY B 206 9.56 -3.28 6.78
N TYR B 207 8.61 -4.20 6.81
CA TYR B 207 7.43 -4.12 5.95
C TYR B 207 6.38 -3.20 6.56
N SER B 217 8.05 -0.79 11.02
CA SER B 217 9.21 -1.65 11.02
C SER B 217 9.11 -2.71 12.10
N TRP B 218 9.88 -3.80 11.94
CA TRP B 218 9.85 -4.88 12.91
C TRP B 218 10.52 -4.49 14.22
N PHE B 219 11.55 -3.64 14.15
CA PHE B 219 12.29 -3.28 15.36
C PHE B 219 11.44 -2.42 16.29
N VAL B 220 10.81 -1.37 15.75
CA VAL B 220 10.02 -0.47 16.58
C VAL B 220 8.81 -1.20 17.16
N GLN B 221 8.16 -2.05 16.35
CA GLN B 221 7.00 -2.79 16.84
C GLN B 221 7.41 -3.82 17.89
N ALA B 222 8.61 -4.39 17.78
CA ALA B 222 9.09 -5.31 18.80
C ALA B 222 9.53 -4.59 20.07
N LEU B 223 10.02 -3.35 19.94
CA LEU B 223 10.41 -2.59 21.12
C LEU B 223 9.19 -2.14 21.92
N CYS B 224 8.14 -1.70 21.22
CA CYS B 224 6.94 -1.25 21.92
C CYS B 224 6.19 -2.42 22.54
N SER B 225 6.11 -3.55 21.83
CA SER B 225 5.37 -4.70 22.34
C SER B 225 5.97 -5.24 23.63
N ILE B 226 7.26 -5.01 23.88
CA ILE B 226 7.90 -5.46 25.11
C ILE B 226 7.83 -4.40 26.20
N LEU B 227 8.02 -3.13 25.83
CA LEU B 227 7.92 -2.06 26.81
C LEU B 227 6.48 -1.86 27.28
N GLU B 228 5.51 -2.17 26.43
CA GLU B 228 4.10 -2.16 26.83
C GLU B 228 3.70 -3.40 27.61
N GLU B 229 4.66 -4.27 27.93
CA GLU B 229 4.37 -5.51 28.65
C GLU B 229 5.33 -5.68 29.82
N HIS B 230 6.58 -5.24 29.64
CA HIS B 230 7.58 -5.41 30.68
C HIS B 230 8.39 -4.14 30.92
N GLY B 231 7.91 -2.98 30.50
CA GLY B 231 8.68 -1.76 30.60
C GLY B 231 8.86 -1.26 32.02
N LYS B 232 8.02 -1.70 32.96
CA LYS B 232 8.09 -1.25 34.34
C LYS B 232 8.51 -2.35 35.30
N ASP B 233 8.97 -3.49 34.80
CA ASP B 233 9.40 -4.59 35.66
C ASP B 233 10.75 -5.18 35.28
N LEU B 234 11.24 -4.97 34.05
CA LEU B 234 12.52 -5.51 33.62
C LEU B 234 13.54 -4.40 33.46
N GLU B 235 14.81 -4.81 33.40
CA GLU B 235 15.90 -3.87 33.17
C GLU B 235 16.02 -3.58 31.68
N ILE B 236 16.69 -2.46 31.36
CA ILE B 236 16.72 -1.98 29.98
C ILE B 236 17.41 -2.96 29.06
N MET B 237 18.39 -3.72 29.58
CA MET B 237 19.04 -4.73 28.74
C MET B 237 18.15 -5.95 28.55
N GLN B 238 17.36 -6.32 29.56
CA GLN B 238 16.39 -7.39 29.38
C GLN B 238 15.35 -7.02 28.32
N ILE B 239 15.01 -5.73 28.23
CA ILE B 239 14.07 -5.28 27.20
C ILE B 239 14.70 -5.41 25.82
N LEU B 240 15.87 -4.78 25.63
CA LEU B 240 16.51 -4.77 24.32
C LEU B 240 16.99 -6.15 23.89
N THR B 241 17.27 -7.05 24.84
CA THR B 241 17.68 -8.41 24.47
C THR B 241 16.50 -9.18 23.88
N ARG B 242 15.31 -9.05 24.49
CA ARG B 242 14.13 -9.70 23.93
C ARG B 242 13.72 -9.06 22.62
N VAL B 243 14.04 -7.77 22.43
CA VAL B 243 13.78 -7.13 21.14
C VAL B 243 14.67 -7.73 20.06
N ASN B 244 15.94 -8.02 20.40
CA ASN B 244 16.83 -8.66 19.44
C ASN B 244 16.38 -10.06 19.08
N ASP B 245 15.74 -10.77 20.01
CA ASP B 245 15.21 -12.09 19.70
C ASP B 245 13.94 -12.01 18.88
N ARG B 246 13.10 -10.99 19.12
CA ARG B 246 11.87 -10.85 18.36
C ARG B 246 12.16 -10.55 16.89
N VAL B 247 13.10 -9.63 16.63
CA VAL B 247 13.45 -9.31 15.26
C VAL B 247 14.21 -10.46 14.61
N ALA B 248 14.91 -11.27 15.40
CA ALA B 248 15.57 -12.45 14.86
C ALA B 248 14.56 -13.49 14.40
N ARG B 249 13.39 -13.54 15.03
CA ARG B 249 12.35 -14.47 14.59
C ARG B 249 11.74 -14.03 13.26
N HIS B 250 11.69 -12.72 13.01
CA HIS B 250 11.08 -12.23 11.77
C HIS B 250 11.94 -12.54 10.56
N PHE B 251 13.26 -12.68 10.74
CA PHE B 251 14.12 -13.04 9.63
C PHE B 251 13.86 -14.45 9.14
N GLU B 252 13.31 -15.31 10.00
CA GLU B 252 13.02 -16.69 9.64
C GLU B 252 11.61 -16.85 9.07
N SER B 253 10.63 -16.17 9.65
CA SER B 253 9.25 -16.27 9.18
C SER B 253 9.03 -15.50 7.89
N GLN B 254 9.77 -14.40 7.68
CA GLN B 254 9.72 -13.59 6.47
C GLN B 254 8.28 -13.15 6.17
N SER B 255 7.83 -12.18 6.95
CA SER B 255 6.49 -11.62 6.80
C SER B 255 6.53 -10.10 6.80
N LYS B 264 20.78 -13.00 8.60
CA LYS B 264 20.20 -12.89 9.93
C LYS B 264 20.55 -11.54 10.55
N GLN B 265 19.88 -10.49 10.09
CA GLN B 265 20.19 -9.13 10.52
C GLN B 265 19.53 -8.83 11.86
N ILE B 266 20.32 -8.33 12.80
CA ILE B 266 19.85 -8.01 14.16
C ILE B 266 20.43 -6.66 14.55
N PRO B 267 19.64 -5.78 15.19
CA PRO B 267 20.20 -4.52 15.71
C PRO B 267 21.26 -4.78 16.77
N CYS B 268 22.09 -3.77 16.99
CA CYS B 268 23.15 -3.83 17.99
C CYS B 268 22.86 -2.83 19.11
N VAL B 269 23.33 -3.17 20.31
CA VAL B 269 23.14 -2.34 21.49
C VAL B 269 24.52 -1.93 22.00
N VAL B 270 24.82 -0.64 21.91
CA VAL B 270 26.06 -0.07 22.44
C VAL B 270 25.74 0.52 23.81
N SER B 271 26.29 -0.07 24.86
CA SER B 271 25.95 0.29 26.23
C SER B 271 27.18 0.85 26.93
N MET B 272 27.06 2.08 27.45
CA MET B 272 28.06 2.67 28.33
C MET B 272 27.47 2.93 29.72
N LEU B 273 26.43 2.17 30.08
CA LEU B 273 25.77 2.37 31.37
C LEU B 273 26.65 1.88 32.51
N THR B 274 26.59 2.60 33.64
CA THR B 274 27.32 2.21 34.84
C THR B 274 26.46 1.48 35.85
N LYS B 275 25.13 1.63 35.78
CA LYS B 275 24.21 0.99 36.70
C LYS B 275 23.11 0.30 35.92
N GLU B 276 22.25 -0.41 36.65
CA GLU B 276 21.07 -1.01 36.05
C GLU B 276 19.95 0.02 35.95
N LEU B 277 19.16 -0.10 34.89
CA LEU B 277 18.12 0.88 34.57
C LEU B 277 16.75 0.25 34.77
N TYR B 278 16.01 0.78 35.75
CA TYR B 278 14.62 0.44 36.00
C TYR B 278 13.76 1.69 35.86
N PHE B 279 12.46 1.49 35.74
CA PHE B 279 11.50 2.55 35.43
C PHE B 279 10.49 2.65 36.56
N SER B 280 10.96 3.07 37.73
CA SER B 280 10.07 3.39 38.83
C SER B 280 9.60 4.83 38.68
N GLN B 281 8.47 5.13 39.32
CA GLN B 281 7.88 6.45 39.25
C GLN B 281 8.77 7.51 39.89
N GLU C 87 -3.33 -13.62 -39.00
CA GLU C 87 -2.28 -12.68 -38.61
C GLU C 87 -2.15 -11.56 -39.63
N GLU C 88 -1.84 -11.92 -40.88
CA GLU C 88 -1.74 -10.93 -41.94
C GLU C 88 -3.09 -10.37 -42.34
N GLU C 89 -4.17 -11.10 -42.07
CA GLU C 89 -5.52 -10.63 -42.41
C GLU C 89 -5.98 -9.50 -41.51
N ILE C 90 -5.26 -9.21 -40.42
CA ILE C 90 -5.63 -8.10 -39.56
C ILE C 90 -5.43 -6.77 -40.29
N ARG C 91 -4.44 -6.70 -41.18
CA ARG C 91 -4.24 -5.48 -41.97
C ARG C 91 -5.45 -5.17 -42.83
N GLU C 92 -6.15 -6.20 -43.32
CA GLU C 92 -7.37 -5.99 -44.08
C GLU C 92 -8.54 -5.61 -43.19
N ALA C 93 -8.49 -5.94 -41.89
CA ALA C 93 -9.65 -5.78 -41.03
C ALA C 93 -10.04 -4.32 -40.86
N PHE C 94 -9.04 -3.43 -40.71
CA PHE C 94 -9.36 -2.02 -40.54
C PHE C 94 -9.77 -1.36 -41.84
N ARG C 95 -9.25 -1.84 -42.97
CA ARG C 95 -9.47 -1.18 -44.25
C ARG C 95 -10.87 -1.41 -44.80
N VAL C 96 -11.59 -2.42 -44.31
CA VAL C 96 -12.92 -2.70 -44.85
C VAL C 96 -13.88 -1.56 -44.57
N PHE C 97 -13.64 -0.78 -43.51
CA PHE C 97 -14.47 0.37 -43.17
C PHE C 97 -13.60 1.60 -42.96
N ASP C 98 -12.67 1.82 -43.88
CA ASP C 98 -11.85 3.03 -43.86
C ASP C 98 -12.67 4.21 -44.36
N LYS C 99 -12.57 5.34 -43.65
CA LYS C 99 -13.35 6.52 -44.02
C LYS C 99 -12.93 7.04 -45.39
N ASP C 100 -11.64 6.96 -45.70
CA ASP C 100 -11.11 7.36 -47.00
C ASP C 100 -10.75 6.09 -47.78
N GLY C 101 -9.54 5.94 -48.30
CA GLY C 101 -9.19 4.76 -49.07
C GLY C 101 -8.03 3.98 -48.49
N ASN C 102 -6.95 4.68 -48.14
CA ASN C 102 -5.75 4.04 -47.63
C ASN C 102 -5.10 4.94 -46.57
N GLY C 103 -4.77 4.34 -45.43
CA GLY C 103 -4.04 5.05 -44.39
C GLY C 103 -4.90 5.62 -43.30
N TYR C 104 -5.19 6.92 -43.39
CA TYR C 104 -5.90 7.62 -42.33
C TYR C 104 -7.34 7.15 -42.22
N ILE C 105 -7.76 6.80 -41.01
CA ILE C 105 -9.14 6.45 -40.72
C ILE C 105 -9.66 7.43 -39.67
N SER C 106 -10.95 7.71 -39.72
CA SER C 106 -11.56 8.63 -38.77
C SER C 106 -11.56 8.04 -37.36
N ALA C 107 -11.20 8.87 -36.38
CA ALA C 107 -11.14 8.41 -34.99
C ALA C 107 -12.54 8.34 -34.37
N ALA C 108 -13.33 9.40 -34.55
CA ALA C 108 -14.69 9.39 -34.04
C ALA C 108 -15.55 8.32 -34.70
N GLU C 109 -15.15 7.85 -35.88
CA GLU C 109 -15.85 6.73 -36.51
C GLU C 109 -15.66 5.45 -35.71
N LEU C 110 -14.42 5.14 -35.33
CA LEU C 110 -14.15 3.97 -34.52
C LEU C 110 -14.81 4.06 -33.15
N ARG C 111 -15.10 5.27 -32.66
CA ARG C 111 -15.80 5.41 -31.39
C ARG C 111 -17.24 4.92 -31.52
N HIS C 112 -17.97 5.44 -32.52
CA HIS C 112 -19.36 5.07 -32.70
C HIS C 112 -19.52 3.65 -33.27
N VAL C 113 -18.50 3.14 -33.95
CA VAL C 113 -18.56 1.77 -34.45
C VAL C 113 -18.61 0.78 -33.29
N MET C 114 -17.71 0.92 -32.33
CA MET C 114 -17.72 0.04 -31.17
C MET C 114 -18.84 0.37 -30.20
N THR C 115 -19.39 1.59 -30.27
CA THR C 115 -20.49 1.96 -29.39
C THR C 115 -21.77 1.23 -29.74
N ASN C 116 -21.99 0.96 -31.02
CA ASN C 116 -23.21 0.27 -31.45
C ASN C 116 -22.90 -0.96 -32.29
N LEU C 117 -22.24 -0.78 -33.43
CA LEU C 117 -22.00 -1.88 -34.34
C LEU C 117 -20.95 -2.84 -33.78
N GLY C 118 -20.68 -3.90 -34.54
CA GLY C 118 -19.74 -4.92 -34.11
C GLY C 118 -20.21 -5.61 -32.85
N GLU C 119 -19.25 -5.96 -31.99
CA GLU C 119 -19.57 -6.53 -30.70
C GLU C 119 -20.08 -5.42 -29.77
N LYS C 120 -21.13 -5.74 -29.02
CA LYS C 120 -21.72 -4.78 -28.10
C LYS C 120 -20.75 -4.44 -26.97
N LEU C 121 -19.96 -3.39 -27.16
CA LEU C 121 -18.97 -2.98 -26.17
C LEU C 121 -19.55 -1.94 -25.22
N THR C 122 -18.81 -1.67 -24.16
CA THR C 122 -19.23 -0.70 -23.15
C THR C 122 -18.63 0.67 -23.45
N ASP C 123 -19.42 1.71 -23.21
CA ASP C 123 -18.99 3.07 -23.53
C ASP C 123 -17.89 3.56 -22.60
N GLU C 124 -17.80 3.01 -21.39
CA GLU C 124 -16.71 3.38 -20.49
C GLU C 124 -15.36 2.86 -21.00
N GLU C 125 -15.35 1.66 -21.57
CA GLU C 125 -14.12 1.10 -22.11
C GLU C 125 -13.69 1.81 -23.39
N VAL C 126 -14.64 2.34 -24.16
CA VAL C 126 -14.34 2.96 -25.44
C VAL C 126 -13.32 4.08 -25.28
N ASP C 127 -13.40 4.82 -24.17
CA ASP C 127 -12.48 5.94 -23.95
C ASP C 127 -11.03 5.46 -23.93
N GLU C 128 -10.74 4.45 -23.10
CA GLU C 128 -9.37 3.99 -22.94
C GLU C 128 -8.83 3.30 -24.18
N MET C 129 -9.69 2.79 -25.06
CA MET C 129 -9.21 2.14 -26.27
C MET C 129 -8.68 3.16 -27.27
N ILE C 130 -9.36 4.30 -27.39
CA ILE C 130 -8.94 5.33 -28.34
C ILE C 130 -7.71 6.09 -27.83
N ARG C 131 -7.52 6.13 -26.51
CA ARG C 131 -6.38 6.84 -25.94
C ARG C 131 -5.06 6.24 -26.44
N GLU C 132 -4.89 4.93 -26.27
CA GLU C 132 -3.66 4.27 -26.69
C GLU C 132 -3.61 4.03 -28.20
N ALA C 133 -4.76 4.05 -28.88
CA ALA C 133 -4.78 3.76 -30.31
C ALA C 133 -4.18 4.92 -31.11
N ASP C 134 -4.76 6.11 -30.97
CA ASP C 134 -4.33 7.28 -31.74
C ASP C 134 -2.92 7.67 -31.31
N ILE C 135 -1.93 7.25 -32.09
CA ILE C 135 -0.55 7.63 -31.81
C ILE C 135 -0.35 9.13 -32.04
N ASP C 136 -1.16 9.73 -32.92
CA ASP C 136 -1.07 11.16 -33.15
C ASP C 136 -1.49 11.95 -31.92
N GLY C 137 -2.52 11.48 -31.22
CA GLY C 137 -2.99 12.13 -30.00
C GLY C 137 -3.81 13.37 -30.25
N ASP C 138 -4.80 13.27 -31.15
CA ASP C 138 -5.66 14.40 -31.46
C ASP C 138 -7.03 13.94 -31.95
N GLY C 139 -7.05 13.10 -32.99
CA GLY C 139 -8.30 12.62 -33.53
C GLY C 139 -8.17 11.99 -34.90
N GLN C 140 -7.41 10.90 -34.99
CA GLN C 140 -7.22 10.17 -36.24
C GLN C 140 -6.85 8.74 -35.92
N VAL C 141 -6.80 7.91 -36.94
CA VAL C 141 -6.44 6.50 -36.81
C VAL C 141 -5.35 6.18 -37.83
N ASN C 142 -4.29 5.52 -37.38
CA ASN C 142 -3.17 5.11 -38.23
C ASN C 142 -3.13 3.59 -38.21
N TYR C 143 -4.04 2.97 -38.97
CA TYR C 143 -4.16 1.52 -38.94
C TYR C 143 -2.97 0.84 -39.62
N GLU C 144 -2.37 1.48 -40.61
CA GLU C 144 -1.25 0.87 -41.32
C GLU C 144 -0.02 0.78 -40.43
N GLU C 145 0.32 1.85 -39.73
CA GLU C 145 1.52 1.86 -38.92
C GLU C 145 1.32 1.16 -37.58
N PHE C 146 0.09 1.16 -37.06
CA PHE C 146 -0.15 0.57 -35.74
C PHE C 146 0.08 -0.93 -35.75
N VAL C 147 -0.33 -1.61 -36.83
CA VAL C 147 -0.09 -3.05 -36.93
C VAL C 147 1.39 -3.34 -37.11
N GLN C 148 2.09 -2.48 -37.87
CA GLN C 148 3.52 -2.68 -38.08
C GLN C 148 4.32 -2.42 -36.82
N MET C 149 3.96 -1.38 -36.06
CA MET C 149 4.69 -1.07 -34.83
C MET C 149 4.48 -2.15 -33.78
N MET C 150 3.31 -2.80 -33.76
CA MET C 150 3.04 -3.84 -32.79
C MET C 150 2.78 -5.18 -33.49
#